data_1ZTC
#
_entry.id   1ZTC
#
_cell.length_a   89.783
_cell.length_b   127.343
_cell.length_c   152.224
_cell.angle_alpha   90.000
_cell.angle_beta   90.000
_cell.angle_gamma   90.000
#
_symmetry.space_group_name_H-M   'P 21 21 21'
#
loop_
_entity.id
_entity.type
_entity.pdbx_description
1 polymer 'hypothetical protein TM0894'
2 non-polymer 'NICKEL (II) ION'
3 non-polymer 'PHOSPHATE ION'
4 non-polymer (4S)-2-METHYL-2,4-PENTANEDIOL
5 water water
#
_entity_poly.entity_id   1
_entity_poly.type   'polypeptide(L)'
_entity_poly.pdbx_seq_one_letter_code
;(MSE)GSDKIHHHHHH(MSE)ELKILVTGGNVFVPGRLNAHFSTVVYLEHKDRRIIIDPGNLSS(MSE)DELEEKFSELG
ISPDDITDVLFTHVHLDHIFNSVLFENATFYVHEVYKTKNYLSFGTIVGRIYSKVISSWKNVVLLKGEESLFDEKVKVFH
TPWHAREHLSFLLDTENAGRVLITGDITPNRLSYYDIIKGYGSVQVKNFLDRVGRIDLLVFPHDAPLKPEVKK
;
_entity_poly.pdbx_strand_id   A,B,C,D
#
# COMPACT_ATOMS: atom_id res chain seq x y z
N HIS A 11 -8.74 -39.96 -10.49
CA HIS A 11 -9.25 -38.56 -10.39
C HIS A 11 -8.21 -37.63 -9.76
N HIS A 12 -7.65 -36.76 -10.59
CA HIS A 12 -6.54 -35.88 -10.20
C HIS A 12 -7.05 -34.54 -9.68
N GLU A 14 -6.12 -30.57 -9.38
CA GLU A 14 -5.35 -29.53 -10.02
C GLU A 14 -5.34 -28.29 -9.14
N LEU A 15 -4.18 -27.68 -8.99
CA LEU A 15 -3.99 -26.49 -8.19
C LEU A 15 -3.78 -25.24 -9.06
N LYS A 16 -4.43 -24.15 -8.70
CA LYS A 16 -4.11 -22.85 -9.24
C LYS A 16 -4.03 -21.86 -8.08
N ILE A 17 -2.94 -21.09 -8.04
CA ILE A 17 -2.82 -20.01 -7.09
C ILE A 17 -3.43 -18.76 -7.72
N LEU A 18 -4.60 -18.35 -7.23
CA LEU A 18 -5.32 -17.24 -7.83
C LEU A 18 -4.70 -15.90 -7.45
N VAL A 19 -4.20 -15.83 -6.24
CA VAL A 19 -3.58 -14.64 -5.67
C VAL A 19 -2.41 -15.09 -4.80
N THR A 20 -1.25 -14.47 -4.97
CA THR A 20 -0.20 -14.55 -3.96
C THR A 20 -0.33 -13.36 -3.03
N GLY A 21 -0.38 -13.66 -1.74
CA GLY A 21 -0.72 -12.66 -0.73
C GLY A 21 0.38 -11.71 -0.41
N GLY A 22 0.04 -10.71 0.39
CA GLY A 22 0.99 -9.69 0.80
C GLY A 22 0.50 -8.95 2.00
N ASN A 23 1.11 -7.79 2.22
CA ASN A 23 0.84 -6.98 3.40
C ASN A 23 0.72 -5.53 3.01
N VAL A 24 -0.27 -4.86 3.57
CA VAL A 24 -0.37 -3.44 3.46
C VAL A 24 -0.86 -2.95 4.80
N PHE A 25 0.01 -2.27 5.53
CA PHE A 25 -0.26 -1.93 6.91
C PHE A 25 0.50 -0.73 7.31
N VAL A 26 -0.26 0.30 7.72
CA VAL A 26 0.27 1.51 8.28
C VAL A 26 -0.44 1.65 9.62
N PRO A 27 0.31 1.52 10.75
CA PRO A 27 -0.32 1.60 12.08
C PRO A 27 -1.26 2.79 12.20
N GLY A 28 -2.51 2.51 12.56
CA GLY A 28 -3.50 3.58 12.83
C GLY A 28 -4.19 4.18 11.61
N ARG A 29 -3.87 3.68 10.42
CA ARG A 29 -4.31 4.35 9.17
C ARG A 29 -4.75 3.41 8.10
N LEU A 30 -4.13 2.25 8.00
CA LEU A 30 -4.38 1.39 6.85
C LEU A 30 -4.12 -0.03 7.18
N ASN A 31 -5.15 -0.85 6.97
CA ASN A 31 -5.02 -2.27 7.14
C ASN A 31 -5.59 -2.96 5.90
N ALA A 32 -4.70 -3.38 5.02
CA ALA A 32 -5.14 -4.04 3.82
C ALA A 32 -4.34 -5.32 3.55
N HIS A 33 -3.97 -6.02 4.61
CA HIS A 33 -3.39 -7.34 4.47
C HIS A 33 -4.31 -8.21 3.62
N PHE A 34 -3.71 -9.10 2.83
CA PHE A 34 -4.47 -9.94 1.96
C PHE A 34 -3.73 -11.27 1.79
N SER A 35 -4.47 -12.36 1.99
CA SER A 35 -3.87 -13.67 1.90
C SER A 35 -3.79 -14.16 0.45
N THR A 36 -2.84 -15.07 0.26
CA THR A 36 -2.85 -15.99 -0.85
C THR A 36 -4.20 -16.69 -0.94
N VAL A 37 -4.66 -16.91 -2.17
CA VAL A 37 -5.91 -17.62 -2.45
C VAL A 37 -5.57 -18.81 -3.38
N VAL A 38 -5.92 -19.99 -2.89
CA VAL A 38 -5.66 -21.26 -3.56
C VAL A 38 -6.98 -21.84 -4.05
N TYR A 39 -6.97 -22.28 -5.30
CA TYR A 39 -8.09 -22.89 -5.95
C TYR A 39 -7.71 -24.31 -6.37
N LEU A 40 -8.61 -25.26 -6.10
CA LEU A 40 -8.40 -26.66 -6.43
C LEU A 40 -9.63 -27.22 -7.12
N GLU A 41 -9.39 -28.01 -8.17
CA GLU A 41 -10.46 -28.76 -8.81
C GLU A 41 -10.19 -30.25 -8.62
N HIS A 42 -11.20 -30.95 -8.12
CA HIS A 42 -11.14 -32.38 -7.92
C HIS A 42 -12.54 -32.93 -8.12
N LYS A 43 -12.66 -33.85 -9.08
CA LYS A 43 -13.94 -34.38 -9.51
C LYS A 43 -14.91 -33.21 -9.80
N ASP A 44 -16.00 -33.16 -9.06
CA ASP A 44 -17.03 -32.15 -9.21
C ASP A 44 -16.89 -31.01 -8.18
N ARG A 45 -15.78 -31.01 -7.45
CA ARG A 45 -15.56 -30.01 -6.42
C ARG A 45 -14.70 -28.87 -6.93
N ARG A 46 -15.10 -27.66 -6.55
CA ARG A 46 -14.34 -26.47 -6.82
C ARG A 46 -14.07 -25.81 -5.47
N ILE A 47 -12.80 -25.89 -5.08
CA ILE A 47 -12.38 -25.70 -3.71
C ILE A 47 -11.50 -24.47 -3.58
N ILE A 48 -11.80 -23.64 -2.60
CA ILE A 48 -10.92 -22.51 -2.26
C ILE A 48 -10.35 -22.69 -0.85
N ILE A 49 -9.05 -22.50 -0.72
CA ILE A 49 -8.42 -22.41 0.59
C ILE A 49 -7.98 -20.98 0.80
N ASP A 50 -8.53 -20.34 1.84
CA ASP A 50 -8.32 -18.93 2.19
C ASP A 50 -8.76 -18.02 1.05
N PRO A 51 -10.08 -17.67 1.02
CA PRO A 51 -10.64 -16.85 -0.06
C PRO A 51 -10.11 -15.42 -0.16
N GLY A 52 -9.47 -14.95 0.92
CA GLY A 52 -8.78 -13.72 0.89
C GLY A 52 -9.57 -12.49 1.32
N ASN A 53 -9.02 -11.34 0.94
CA ASN A 53 -9.50 -10.07 1.41
C ASN A 53 -10.05 -9.23 0.25
N LEU A 54 -10.87 -8.25 0.60
CA LEU A 54 -11.55 -7.39 -0.32
C LEU A 54 -10.61 -6.74 -1.34
N SER A 55 -9.41 -6.40 -0.91
CA SER A 55 -8.45 -5.75 -1.75
C SER A 55 -7.96 -6.57 -2.97
N SER A 56 -8.18 -7.89 -2.94
CA SER A 56 -7.87 -8.78 -4.06
C SER A 56 -9.00 -8.92 -5.10
N ASP A 58 -10.12 -7.27 -7.72
CA ASP A 58 -9.82 -7.17 -9.16
C ASP A 58 -9.05 -8.38 -9.67
N GLU A 59 -8.11 -8.88 -8.86
CA GLU A 59 -7.35 -10.06 -9.26
C GLU A 59 -8.25 -11.28 -9.34
N LEU A 60 -9.13 -11.43 -8.34
CA LEU A 60 -10.06 -12.54 -8.33
C LEU A 60 -11.01 -12.50 -9.50
N GLU A 61 -11.52 -11.31 -9.80
CA GLU A 61 -12.40 -11.11 -10.96
C GLU A 61 -11.76 -11.67 -12.24
N GLU A 62 -10.52 -11.29 -12.44
CA GLU A 62 -9.74 -11.66 -13.60
C GLU A 62 -9.48 -13.18 -13.63
N LYS A 63 -9.15 -13.79 -12.49
CA LYS A 63 -8.90 -15.23 -12.45
C LYS A 63 -10.18 -16.06 -12.62
N PHE A 64 -11.27 -15.64 -11.99
CA PHE A 64 -12.55 -16.30 -12.17
C PHE A 64 -12.99 -16.24 -13.63
N SER A 65 -12.79 -15.08 -14.25
CA SER A 65 -13.09 -14.92 -15.69
C SER A 65 -12.25 -15.88 -16.54
N GLU A 66 -10.95 -15.96 -16.29
CA GLU A 66 -10.11 -16.92 -16.99
C GLU A 66 -10.57 -18.36 -16.81
N LEU A 67 -10.96 -18.71 -15.59
CA LEU A 67 -11.41 -20.07 -15.29
C LEU A 67 -12.81 -20.40 -15.83
N GLY A 68 -13.56 -19.36 -16.19
CA GLY A 68 -14.90 -19.53 -16.69
C GLY A 68 -15.89 -19.91 -15.60
N ILE A 69 -15.62 -19.53 -14.38
CA ILE A 69 -16.50 -19.85 -13.26
C ILE A 69 -16.99 -18.60 -12.56
N SER A 70 -18.04 -18.81 -11.77
CA SER A 70 -18.64 -17.79 -10.94
C SER A 70 -18.40 -18.19 -9.48
N PRO A 71 -18.53 -17.23 -8.57
CA PRO A 71 -18.53 -17.56 -7.13
C PRO A 71 -19.57 -18.64 -6.78
N ASP A 72 -20.70 -18.66 -7.47
CA ASP A 72 -21.76 -19.65 -7.24
C ASP A 72 -21.33 -21.09 -7.50
N ASP A 73 -20.22 -21.26 -8.21
CA ASP A 73 -19.72 -22.60 -8.55
C ASP A 73 -18.78 -23.14 -7.50
N ILE A 74 -18.40 -22.33 -6.53
CA ILE A 74 -17.50 -22.80 -5.49
C ILE A 74 -18.30 -23.66 -4.51
N THR A 75 -17.84 -24.89 -4.31
CA THR A 75 -18.50 -25.91 -3.49
C THR A 75 -17.92 -26.03 -2.08
N ASP A 76 -16.64 -25.70 -1.91
CA ASP A 76 -15.97 -25.92 -0.64
C ASP A 76 -14.97 -24.80 -0.38
N VAL A 77 -14.95 -24.31 0.86
CA VAL A 77 -14.01 -23.27 1.25
C VAL A 77 -13.41 -23.64 2.59
N LEU A 78 -12.08 -23.73 2.63
CA LEU A 78 -11.36 -24.07 3.86
C LEU A 78 -10.54 -22.87 4.33
N PHE A 79 -10.46 -22.73 5.65
CA PHE A 79 -9.71 -21.65 6.28
C PHE A 79 -8.53 -22.16 7.08
N THR A 80 -7.36 -21.61 6.82
CA THR A 80 -6.24 -21.82 7.72
C THR A 80 -6.62 -21.29 9.09
N HIS A 81 -7.20 -20.11 9.14
CA HIS A 81 -7.66 -19.56 10.38
C HIS A 81 -8.60 -18.37 10.18
N VAL A 82 -9.19 -17.92 11.27
CA VAL A 82 -10.22 -16.91 11.24
C VAL A 82 -9.61 -15.54 11.48
N HIS A 83 -8.91 -15.04 10.46
CA HIS A 83 -8.42 -13.68 10.43
C HIS A 83 -8.98 -13.10 9.16
N LEU A 84 -9.42 -11.87 9.27
CA LEU A 84 -10.19 -11.21 8.21
C LEU A 84 -9.52 -11.20 6.83
N ASP A 85 -8.20 -11.01 6.82
CA ASP A 85 -7.43 -10.94 5.56
C ASP A 85 -7.39 -12.30 4.81
N HIS A 86 -7.79 -13.36 5.51
CA HIS A 86 -7.93 -14.71 4.95
C HIS A 86 -9.38 -15.11 4.60
N ILE A 87 -10.34 -14.60 5.36
CA ILE A 87 -11.71 -15.09 5.30
C ILE A 87 -12.73 -14.14 4.67
N PHE A 88 -12.41 -12.87 4.54
CA PHE A 88 -13.43 -11.88 4.18
C PHE A 88 -14.24 -12.27 2.93
N ASN A 89 -13.52 -12.71 1.91
CA ASN A 89 -14.15 -13.02 0.60
C ASN A 89 -15.07 -14.23 0.65
N SER A 90 -15.08 -14.94 1.79
CA SER A 90 -16.05 -16.04 2.03
C SER A 90 -17.49 -15.59 1.81
N VAL A 91 -17.78 -14.30 2.02
CA VAL A 91 -19.10 -13.74 1.80
C VAL A 91 -19.58 -13.88 0.34
N LEU A 92 -18.66 -14.12 -0.59
CA LEU A 92 -19.02 -14.29 -2.00
C LEU A 92 -19.58 -15.67 -2.35
N PHE A 93 -19.32 -16.68 -1.53
CA PHE A 93 -19.59 -18.07 -1.91
C PHE A 93 -20.81 -18.59 -1.14
N GLU A 94 -21.98 -18.40 -1.74
CA GLU A 94 -23.26 -18.69 -1.09
C GLU A 94 -23.59 -20.18 -1.10
N ASN A 95 -22.93 -20.93 -1.97
CA ASN A 95 -23.24 -22.36 -2.17
C ASN A 95 -22.18 -23.30 -1.58
N ALA A 96 -21.19 -22.75 -0.89
CA ALA A 96 -20.08 -23.50 -0.40
C ALA A 96 -20.33 -24.06 0.99
N THR A 97 -19.68 -25.18 1.25
CA THR A 97 -19.50 -25.67 2.60
C THR A 97 -18.18 -25.10 3.09
N PHE A 98 -18.20 -24.59 4.32
CA PHE A 98 -17.05 -23.99 4.95
C PHE A 98 -16.41 -24.91 5.95
N TYR A 99 -15.07 -24.95 5.97
CA TYR A 99 -14.33 -25.87 6.86
C TYR A 99 -13.38 -25.06 7.70
N VAL A 100 -13.41 -25.31 9.00
CA VAL A 100 -12.67 -24.50 9.97
C VAL A 100 -12.48 -25.35 11.23
N HIS A 101 -11.38 -25.12 11.94
CA HIS A 101 -11.11 -25.83 13.18
C HIS A 101 -12.13 -25.45 14.24
N GLU A 102 -12.64 -26.47 14.94
CA GLU A 102 -13.73 -26.31 15.90
C GLU A 102 -13.48 -25.27 17.01
N VAL A 103 -12.23 -25.05 17.37
CA VAL A 103 -11.92 -24.20 18.50
C VAL A 103 -12.11 -22.70 18.19
N TYR A 104 -12.44 -22.36 16.95
CA TYR A 104 -12.80 -20.99 16.59
C TYR A 104 -14.04 -20.55 17.35
N LYS A 105 -14.95 -21.49 17.60
CA LYS A 105 -16.16 -21.21 18.36
C LYS A 105 -15.92 -20.77 19.81
N THR A 106 -14.71 -20.97 20.33
CA THR A 106 -14.38 -20.57 21.69
C THR A 106 -13.87 -19.13 21.78
N LYS A 107 -13.69 -18.46 20.64
CA LYS A 107 -13.27 -17.07 20.63
C LYS A 107 -14.47 -16.12 20.59
N ASN A 108 -14.35 -15.04 21.34
CA ASN A 108 -15.34 -13.99 21.37
C ASN A 108 -14.91 -12.92 20.37
N TYR A 109 -15.44 -12.99 19.17
CA TYR A 109 -15.09 -12.06 18.10
C TYR A 109 -15.62 -10.66 18.35
N LEU A 110 -16.73 -10.54 19.06
CA LEU A 110 -17.26 -9.24 19.46
C LEU A 110 -16.34 -8.44 20.36
N SER A 111 -15.44 -9.15 21.02
CA SER A 111 -14.47 -8.49 21.87
C SER A 111 -13.24 -7.96 21.10
N PHE A 112 -13.17 -8.19 19.78
CA PHE A 112 -12.09 -7.62 18.94
C PHE A 112 -12.17 -6.09 18.71
N GLY A 113 -13.16 -5.45 19.29
CA GLY A 113 -13.41 -4.03 19.08
C GLY A 113 -14.80 -3.86 18.51
N THR A 114 -15.41 -2.73 18.78
CA THR A 114 -16.78 -2.51 18.32
C THR A 114 -16.89 -2.67 16.79
N ILE A 115 -16.07 -1.94 16.03
CA ILE A 115 -16.11 -1.98 14.58
C ILE A 115 -15.56 -3.31 14.00
N VAL A 116 -14.37 -3.69 14.39
CA VAL A 116 -13.75 -4.90 13.87
C VAL A 116 -14.55 -6.16 14.27
N GLY A 117 -15.04 -6.18 15.50
CA GLY A 117 -15.86 -7.31 15.95
C GLY A 117 -17.13 -7.45 15.13
N ARG A 118 -17.73 -6.32 14.76
CA ARG A 118 -18.88 -6.32 13.90
C ARG A 118 -18.59 -6.95 12.56
N ILE A 119 -17.45 -6.62 11.97
CA ILE A 119 -17.13 -7.12 10.64
C ILE A 119 -16.88 -8.65 10.72
N TYR A 120 -16.12 -9.09 11.72
CA TYR A 120 -15.93 -10.55 11.95
C TYR A 120 -17.25 -11.28 12.13
N SER A 121 -18.13 -10.72 12.93
CA SER A 121 -19.41 -11.35 13.19
C SER A 121 -20.26 -11.49 11.96
N LYS A 122 -20.30 -10.44 11.13
CA LYS A 122 -21.05 -10.50 9.89
C LYS A 122 -20.49 -11.55 8.94
N VAL A 123 -19.19 -11.59 8.78
CA VAL A 123 -18.57 -12.60 7.90
C VAL A 123 -18.88 -14.00 8.39
N ILE A 124 -18.60 -14.26 9.66
CA ILE A 124 -18.78 -15.58 10.24
C ILE A 124 -20.23 -16.02 10.17
N SER A 125 -21.17 -15.09 10.41
CA SER A 125 -22.59 -15.39 10.29
C SER A 125 -23.06 -15.77 8.90
N SER A 126 -22.31 -15.42 7.88
CA SER A 126 -22.69 -15.72 6.52
C SER A 126 -22.46 -17.19 6.17
N TRP A 127 -21.68 -17.90 6.99
CA TRP A 127 -21.37 -19.32 6.71
C TRP A 127 -22.55 -20.18 7.14
N LYS A 128 -23.36 -20.60 6.18
CA LYS A 128 -24.57 -21.36 6.53
C LYS A 128 -24.28 -22.86 6.73
N ASN A 129 -23.36 -23.43 5.97
CA ASN A 129 -22.98 -24.82 6.16
C ASN A 129 -21.52 -24.89 6.49
N VAL A 130 -21.25 -25.39 7.70
CA VAL A 130 -19.92 -25.40 8.27
C VAL A 130 -19.55 -26.81 8.73
N VAL A 131 -18.36 -27.27 8.33
CA VAL A 131 -17.79 -28.50 8.85
C VAL A 131 -16.70 -28.13 9.83
N LEU A 132 -16.82 -28.64 11.06
CA LEU A 132 -15.83 -28.36 12.10
C LEU A 132 -14.73 -29.40 12.07
N LEU A 133 -13.48 -28.97 11.96
CA LEU A 133 -12.34 -29.86 11.91
C LEU A 133 -11.60 -29.91 13.24
N LYS A 134 -10.88 -31.00 13.47
CA LYS A 134 -10.05 -31.19 14.68
C LYS A 134 -8.55 -31.24 14.37
N GLY A 135 -8.21 -31.51 13.11
CA GLY A 135 -6.85 -31.86 12.74
C GLY A 135 -6.71 -33.36 12.49
N GLU A 136 -5.82 -33.72 11.57
CA GLU A 136 -5.54 -35.08 11.14
C GLU A 136 -6.55 -35.64 10.13
N GLU A 137 -7.64 -34.92 9.82
CA GLU A 137 -8.58 -35.39 8.80
C GLU A 137 -7.89 -35.48 7.43
N SER A 138 -8.35 -36.44 6.64
CA SER A 138 -7.96 -36.58 5.26
C SER A 138 -9.23 -36.35 4.45
N LEU A 139 -9.22 -35.33 3.60
CA LEU A 139 -10.40 -34.90 2.88
C LEU A 139 -10.23 -35.07 1.38
N PHE A 140 -11.36 -35.10 0.67
CA PHE A 140 -11.43 -35.15 -0.80
C PHE A 140 -10.67 -36.34 -1.34
N ASP A 141 -11.17 -37.54 -1.00
CA ASP A 141 -10.55 -38.79 -1.38
C ASP A 141 -9.07 -38.79 -1.01
N GLU A 142 -8.78 -38.32 0.19
CA GLU A 142 -7.43 -38.32 0.76
C GLU A 142 -6.42 -37.43 0.03
N LYS A 143 -6.91 -36.49 -0.78
CA LYS A 143 -6.03 -35.56 -1.49
C LYS A 143 -5.58 -34.41 -0.62
N VAL A 144 -6.34 -34.16 0.46
CA VAL A 144 -6.09 -33.03 1.34
C VAL A 144 -5.95 -33.55 2.76
N LYS A 145 -4.77 -33.35 3.33
CA LYS A 145 -4.53 -33.69 4.72
C LYS A 145 -4.51 -32.42 5.59
N VAL A 146 -5.27 -32.47 6.67
CA VAL A 146 -5.45 -31.34 7.60
C VAL A 146 -4.58 -31.50 8.82
N PHE A 147 -3.84 -30.46 9.16
CA PHE A 147 -2.97 -30.47 10.33
C PHE A 147 -3.35 -29.30 11.22
N HIS A 148 -3.53 -29.59 12.50
CA HIS A 148 -3.72 -28.51 13.51
C HIS A 148 -2.37 -27.93 13.85
N THR A 149 -2.19 -26.66 13.55
CA THR A 149 -0.91 -26.00 13.68
C THR A 149 -1.10 -24.69 14.46
N PRO A 150 -1.40 -24.80 15.76
CA PRO A 150 -1.82 -23.62 16.54
C PRO A 150 -0.67 -22.70 17.01
N TRP A 151 0.21 -22.31 16.11
CA TRP A 151 1.37 -21.48 16.46
C TRP A 151 1.20 -20.16 15.74
N HIS A 152 0.07 -19.55 16.02
CA HIS A 152 -0.33 -18.28 15.45
C HIS A 152 -1.72 -17.91 15.97
N ALA A 153 -2.63 -18.89 15.92
CA ALA A 153 -3.98 -18.75 16.50
C ALA A 153 -4.43 -20.14 16.89
N ARG A 154 -5.28 -20.24 17.92
CA ARG A 154 -5.66 -21.55 18.46
C ARG A 154 -6.34 -22.44 17.41
N GLU A 155 -7.02 -21.83 16.45
CA GLU A 155 -7.77 -22.60 15.44
C GLU A 155 -6.98 -22.87 14.16
N HIS A 156 -5.69 -22.55 14.18
CA HIS A 156 -4.93 -22.51 12.96
C HIS A 156 -4.66 -23.90 12.37
N LEU A 157 -4.85 -24.00 11.07
CA LEU A 157 -4.66 -25.21 10.30
C LEU A 157 -3.72 -24.99 9.14
N SER A 158 -2.97 -26.06 8.81
CA SER A 158 -2.19 -26.14 7.59
C SER A 158 -2.73 -27.34 6.78
N PHE A 159 -2.59 -27.26 5.47
CA PHE A 159 -3.12 -28.25 4.56
C PHE A 159 -2.05 -28.79 3.58
N LEU A 160 -1.93 -30.11 3.54
CA LEU A 160 -1.02 -30.77 2.63
C LEU A 160 -1.83 -31.36 1.48
N LEU A 161 -1.46 -31.01 0.26
CA LEU A 161 -2.23 -31.32 -0.92
C LEU A 161 -1.43 -32.26 -1.82
N ASP A 162 -2.06 -33.30 -2.32
CA ASP A 162 -1.45 -34.12 -3.36
C ASP A 162 -2.06 -33.75 -4.72
N THR A 163 -1.33 -32.93 -5.44
CA THR A 163 -1.78 -32.36 -6.70
C THR A 163 -1.09 -33.02 -7.89
N GLU A 164 -1.79 -33.02 -9.01
CA GLU A 164 -1.26 -33.58 -10.25
C GLU A 164 -0.25 -32.65 -10.91
N ASN A 165 -0.49 -31.35 -10.82
CA ASN A 165 0.31 -30.37 -11.56
C ASN A 165 1.41 -29.68 -10.77
N ALA A 166 1.36 -29.77 -9.45
CA ALA A 166 2.38 -29.14 -8.61
C ALA A 166 2.98 -30.07 -7.56
N GLY A 167 2.68 -31.35 -7.66
CA GLY A 167 3.17 -32.32 -6.72
C GLY A 167 2.55 -32.12 -5.33
N ARG A 168 3.35 -32.38 -4.32
CA ARG A 168 2.94 -32.34 -2.91
C ARG A 168 3.16 -30.91 -2.42
N VAL A 169 2.08 -30.27 -2.05
CA VAL A 169 2.07 -28.82 -1.75
C VAL A 169 1.61 -28.62 -0.32
N LEU A 170 2.36 -27.81 0.42
CA LEU A 170 1.97 -27.43 1.78
C LEU A 170 1.47 -25.99 1.79
N ILE A 171 0.18 -25.83 2.11
CA ILE A 171 -0.41 -24.52 2.40
C ILE A 171 -0.14 -24.25 3.90
N THR A 172 0.84 -23.40 4.18
CA THR A 172 1.35 -23.28 5.54
C THR A 172 0.42 -22.54 6.46
N GLY A 173 -0.23 -21.52 5.89
CA GLY A 173 -0.91 -20.53 6.69
C GLY A 173 0.13 -19.67 7.41
N ASP A 174 -0.37 -18.95 8.41
CA ASP A 174 0.39 -17.89 9.04
C ASP A 174 1.41 -18.34 10.06
N ILE A 175 1.61 -19.64 10.23
CA ILE A 175 2.74 -20.10 11.01
C ILE A 175 4.07 -19.72 10.32
N THR A 176 4.05 -19.59 8.98
CA THR A 176 5.18 -19.07 8.21
C THR A 176 4.60 -18.11 7.17
N PRO A 177 4.45 -16.84 7.53
CA PRO A 177 3.72 -15.92 6.65
C PRO A 177 4.38 -15.63 5.30
N ASN A 178 5.71 -15.72 5.27
CA ASN A 178 6.45 -15.41 4.09
C ASN A 178 7.78 -16.16 4.05
N ARG A 179 8.52 -15.97 2.98
CA ARG A 179 9.80 -16.67 2.77
C ARG A 179 10.81 -16.41 3.87
N LEU A 180 10.89 -15.17 4.32
CA LEU A 180 11.84 -14.85 5.40
C LEU A 180 11.54 -15.65 6.66
N SER A 181 10.27 -15.84 6.99
CA SER A 181 9.96 -16.60 8.21
C SER A 181 10.37 -18.03 8.05
N TYR A 182 10.23 -18.55 6.84
CA TYR A 182 10.68 -19.90 6.55
C TYR A 182 12.21 -20.00 6.64
N TYR A 183 12.91 -19.04 6.07
CA TYR A 183 14.37 -19.03 6.18
C TYR A 183 14.82 -18.95 7.64
N ASP A 184 14.10 -18.21 8.47
CA ASP A 184 14.48 -18.15 9.90
C ASP A 184 14.46 -19.52 10.55
N ILE A 185 13.43 -20.30 10.24
CA ILE A 185 13.35 -21.69 10.69
C ILE A 185 14.54 -22.54 10.21
N ILE A 186 14.81 -22.50 8.92
CA ILE A 186 15.97 -23.19 8.38
C ILE A 186 17.28 -22.79 9.03
N LYS A 187 17.44 -21.50 9.33
CA LYS A 187 18.66 -21.01 9.97
C LYS A 187 18.74 -21.36 11.48
N GLY A 188 17.67 -21.90 12.05
CA GLY A 188 17.72 -22.44 13.40
C GLY A 188 17.25 -21.53 14.53
N TYR A 189 16.67 -20.38 14.21
CA TYR A 189 16.26 -19.47 15.27
C TYR A 189 14.79 -19.12 15.20
N GLY A 190 14.03 -19.85 14.38
CA GLY A 190 12.59 -19.69 14.34
C GLY A 190 11.91 -20.62 15.32
N SER A 191 10.58 -20.67 15.26
CA SER A 191 9.73 -21.56 16.07
C SER A 191 10.20 -23.01 16.02
N VAL A 192 10.45 -23.58 17.19
CA VAL A 192 10.75 -24.98 17.31
C VAL A 192 9.56 -25.83 16.89
N GLN A 193 8.35 -25.40 17.22
CA GLN A 193 7.14 -26.14 16.88
C GLN A 193 6.92 -26.19 15.39
N VAL A 194 7.13 -25.06 14.73
CA VAL A 194 6.97 -25.00 13.28
C VAL A 194 8.06 -25.86 12.61
N LYS A 195 9.29 -25.76 13.10
CA LYS A 195 10.35 -26.55 12.58
C LYS A 195 10.05 -28.04 12.72
N ASN A 196 9.56 -28.48 13.89
CA ASN A 196 9.20 -29.89 14.07
C ASN A 196 8.06 -30.30 13.15
N PHE A 197 7.12 -29.39 12.91
CA PHE A 197 6.03 -29.66 12.00
C PHE A 197 6.53 -29.89 10.57
N LEU A 198 7.40 -29.03 10.09
CA LEU A 198 7.94 -29.19 8.75
C LEU A 198 8.74 -30.49 8.64
N ASP A 199 9.43 -30.89 9.71
CA ASP A 199 10.13 -32.16 9.73
C ASP A 199 9.14 -33.34 9.62
N ARG A 200 8.01 -33.23 10.30
CA ARG A 200 7.00 -34.26 10.26
C ARG A 200 6.40 -34.41 8.86
N VAL A 201 6.13 -33.29 8.22
CA VAL A 201 5.57 -33.28 6.87
C VAL A 201 6.53 -33.93 5.87
N GLY A 202 7.82 -33.67 6.03
CA GLY A 202 8.83 -34.28 5.18
C GLY A 202 8.92 -33.63 3.80
N ARG A 203 9.35 -34.43 2.82
CA ARG A 203 9.70 -33.92 1.48
C ARG A 203 8.43 -33.47 0.76
N ILE A 204 8.45 -32.21 0.32
CA ILE A 204 7.37 -31.64 -0.48
C ILE A 204 7.93 -30.88 -1.68
N ASP A 205 7.07 -30.60 -2.64
CA ASP A 205 7.47 -29.92 -3.87
C ASP A 205 7.32 -28.40 -3.77
N LEU A 206 6.39 -27.92 -2.95
CA LEU A 206 6.07 -26.50 -2.88
C LEU A 206 5.53 -26.08 -1.53
N LEU A 207 6.06 -24.96 -1.06
CA LEU A 207 5.52 -24.25 0.11
C LEU A 207 4.71 -23.06 -0.36
N VAL A 208 3.44 -23.03 0.00
CA VAL A 208 2.56 -21.92 -0.33
C VAL A 208 2.30 -21.10 0.92
N PHE A 209 2.94 -19.94 0.98
CA PHE A 209 2.83 -19.02 2.10
C PHE A 209 1.60 -18.10 1.91
N PRO A 210 1.04 -17.60 2.99
CA PRO A 210 -0.15 -16.74 2.88
C PRO A 210 0.12 -15.30 2.49
N HIS A 211 1.36 -14.83 2.63
CA HIS A 211 1.72 -13.42 2.35
C HIS A 211 3.01 -13.29 1.60
N ASP A 212 3.25 -14.24 0.69
CA ASP A 212 4.41 -14.16 -0.17
C ASP A 212 4.18 -15.11 -1.35
N ALA A 213 5.03 -15.00 -2.36
CA ALA A 213 5.07 -15.94 -3.46
C ALA A 213 5.55 -17.31 -2.92
N PRO A 214 5.11 -18.41 -3.54
CA PRO A 214 5.49 -19.74 -3.01
C PRO A 214 6.92 -20.10 -3.30
N LEU A 215 7.41 -21.14 -2.66
CA LEU A 215 8.81 -21.48 -2.75
C LEU A 215 8.99 -23.00 -2.83
N LYS A 216 9.86 -23.45 -3.71
CA LYS A 216 10.36 -24.83 -3.65
C LYS A 216 11.25 -24.94 -2.45
N PRO A 217 10.97 -25.87 -1.54
CA PRO A 217 11.88 -26.01 -0.42
C PRO A 217 13.31 -26.43 -0.73
N GLU A 218 14.16 -26.09 0.25
CA GLU A 218 15.56 -26.50 0.35
C GLU A 218 15.64 -28.02 0.43
N VAL A 219 16.61 -28.62 -0.25
CA VAL A 219 16.73 -30.09 -0.34
C VAL A 219 16.56 -30.87 0.98
N HIS B 11 14.26 -1.09 -39.71
CA HIS B 11 14.58 -1.27 -38.24
C HIS B 11 13.37 -0.96 -37.35
N HIS B 12 12.80 -2.01 -36.78
CA HIS B 12 11.58 -1.90 -35.99
C HIS B 12 11.91 -1.55 -34.55
N GLU B 14 10.54 -2.15 -30.73
CA GLU B 14 9.71 -3.07 -29.96
C GLU B 14 9.49 -2.50 -28.58
N LEU B 15 8.25 -2.61 -28.09
CA LEU B 15 7.87 -2.10 -26.80
C LEU B 15 7.64 -3.23 -25.80
N LYS B 16 8.09 -3.02 -24.57
CA LYS B 16 7.70 -3.86 -23.45
C LYS B 16 7.38 -2.96 -22.27
N ILE B 17 6.24 -3.19 -21.63
CA ILE B 17 5.87 -2.46 -20.44
C ILE B 17 6.42 -3.27 -19.28
N LEU B 18 7.45 -2.74 -18.61
CA LEU B 18 8.10 -3.50 -17.55
C LEU B 18 7.30 -3.48 -16.25
N VAL B 19 6.66 -2.34 -16.00
CA VAL B 19 5.85 -2.08 -14.82
C VAL B 19 4.65 -1.27 -15.25
N THR B 20 3.47 -1.70 -14.85
CA THR B 20 2.29 -0.82 -14.89
C THR B 20 2.18 -0.13 -13.52
N GLY B 21 2.09 1.19 -13.57
CA GLY B 21 2.16 1.99 -12.36
C GLY B 21 0.91 1.96 -11.52
N GLY B 22 1.02 2.59 -10.35
CA GLY B 22 -0.08 2.69 -9.44
C GLY B 22 0.19 3.74 -8.39
N ASN B 23 -0.56 3.67 -7.31
CA ASN B 23 -0.53 4.68 -6.24
C ASN B 23 -0.52 4.01 -4.92
N VAL B 24 0.31 4.50 -4.02
CA VAL B 24 0.26 4.12 -2.62
C VAL B 24 0.48 5.40 -1.88
N PHE B 25 -0.57 5.89 -1.23
CA PHE B 25 -0.55 7.21 -0.59
C PHE B 25 -1.47 7.21 0.61
N VAL B 26 -0.87 7.49 1.77
CA VAL B 26 -1.59 7.76 2.98
C VAL B 26 -1.04 9.12 3.45
N PRO B 27 -1.88 10.16 3.46
CA PRO B 27 -1.47 11.50 3.91
C PRO B 27 -0.73 11.50 5.24
N GLY B 28 0.49 12.01 5.22
CA GLY B 28 1.32 12.18 6.42
C GLY B 28 2.03 10.94 6.87
N ARG B 29 2.00 9.89 6.05
CA ARG B 29 2.49 8.59 6.50
C ARG B 29 3.18 7.76 5.46
N LEU B 30 2.73 7.83 4.22
CA LEU B 30 3.21 6.89 3.23
C LEU B 30 3.07 7.46 1.87
N ASN B 31 4.19 7.55 1.19
CA ASN B 31 4.19 7.97 -0.19
C ASN B 31 4.99 6.99 -1.02
N ALA B 32 4.31 6.09 -1.71
CA ALA B 32 5.00 5.13 -2.54
C ALA B 32 4.38 5.04 -3.92
N HIS B 33 3.94 6.18 -4.45
CA HIS B 33 3.52 6.25 -5.86
C HIS B 33 4.63 5.68 -6.73
N PHE B 34 4.25 5.04 -7.82
CA PHE B 34 5.21 4.41 -8.71
C PHE B 34 4.68 4.45 -10.14
N SER B 35 5.51 4.90 -11.06
CA SER B 35 5.10 5.09 -12.43
C SER B 35 5.24 3.79 -13.21
N THR B 36 4.43 3.71 -14.24
CA THR B 36 4.67 2.78 -15.34
C THR B 36 6.08 2.97 -15.88
N VAL B 37 6.71 1.86 -16.29
CA VAL B 37 8.06 1.86 -16.84
C VAL B 37 7.99 1.17 -18.18
N VAL B 38 8.42 1.91 -19.21
CA VAL B 38 8.35 1.48 -20.60
C VAL B 38 9.77 1.24 -21.09
N TYR B 39 9.98 0.12 -21.76
CA TYR B 39 11.23 -0.28 -22.31
C TYR B 39 11.06 -0.42 -23.83
N LEU B 40 12.01 0.14 -24.58
CA LEU B 40 11.99 0.10 -26.03
C LEU B 40 13.34 -0.33 -26.56
N GLU B 41 13.33 -1.21 -27.56
CA GLU B 41 14.53 -1.58 -28.29
C GLU B 41 14.42 -1.13 -29.72
N HIS B 42 15.43 -0.39 -30.19
CA HIS B 42 15.47 0.06 -31.54
C HIS B 42 16.93 0.16 -31.97
N LYS B 43 17.28 -0.56 -33.03
CA LYS B 43 18.66 -0.71 -33.44
C LYS B 43 19.51 -1.13 -32.22
N ASP B 44 20.55 -0.37 -31.91
CA ASP B 44 21.43 -0.65 -30.78
C ASP B 44 21.08 0.17 -29.53
N ARG B 45 19.89 0.77 -29.52
CA ARG B 45 19.44 1.57 -28.39
C ARG B 45 18.53 0.74 -27.50
N ARG B 46 18.70 0.91 -26.20
CA ARG B 46 17.89 0.29 -25.18
C ARG B 46 17.35 1.43 -24.31
N ILE B 47 16.07 1.70 -24.47
CA ILE B 47 15.51 2.96 -24.08
C ILE B 47 14.49 2.71 -23.00
N ILE B 48 14.52 3.54 -21.96
CA ILE B 48 13.50 3.54 -20.94
C ILE B 48 12.80 4.89 -20.89
N ILE B 49 11.47 4.86 -20.80
CA ILE B 49 10.69 6.06 -20.55
C ILE B 49 10.07 5.92 -19.15
N ASP B 50 10.43 6.88 -18.27
CA ASP B 50 10.01 6.92 -16.86
C ASP B 50 10.49 5.67 -16.13
N PRO B 51 11.74 5.68 -15.64
CA PRO B 51 12.34 4.51 -15.02
C PRO B 51 11.68 4.11 -13.70
N GLY B 52 10.86 5.00 -13.15
CA GLY B 52 10.00 4.59 -12.02
C GLY B 52 10.59 4.82 -10.64
N ASN B 53 9.95 4.19 -9.65
CA ASN B 53 10.25 4.43 -8.26
C ASN B 53 10.86 3.20 -7.60
N LEU B 54 11.56 3.47 -6.50
CA LEU B 54 12.25 2.48 -5.74
C LEU B 54 11.37 1.25 -5.41
N SER B 55 10.09 1.47 -5.16
CA SER B 55 9.19 0.39 -4.79
C SER B 55 8.96 -0.69 -5.86
N SER B 56 9.32 -0.37 -7.11
CA SER B 56 9.24 -1.30 -8.26
C SER B 56 10.48 -2.16 -8.45
N ASP B 58 11.76 -4.95 -7.23
CA ASP B 58 11.62 -6.40 -7.44
C ASP B 58 11.04 -6.72 -8.81
N GLU B 59 10.06 -5.95 -9.26
CA GLU B 59 9.49 -6.19 -10.58
C GLU B 59 10.56 -5.92 -11.64
N LEU B 60 11.29 -4.84 -11.48
CA LEU B 60 12.33 -4.50 -12.47
C LEU B 60 13.44 -5.53 -12.51
N GLU B 61 13.84 -6.01 -11.34
CA GLU B 61 14.81 -7.11 -11.24
C GLU B 61 14.38 -8.30 -12.10
N GLU B 62 13.12 -8.70 -11.93
CA GLU B 62 12.53 -9.82 -12.69
C GLU B 62 12.57 -9.55 -14.21
N LYS B 63 12.12 -8.37 -14.60
CA LYS B 63 12.00 -8.02 -15.99
C LYS B 63 13.38 -7.90 -16.66
N PHE B 64 14.33 -7.26 -15.99
CA PHE B 64 15.70 -7.18 -16.52
C PHE B 64 16.30 -8.55 -16.69
N SER B 65 16.04 -9.42 -15.73
CA SER B 65 16.52 -10.78 -15.78
C SER B 65 15.90 -11.55 -16.98
N GLU B 66 14.60 -11.41 -17.20
CA GLU B 66 13.95 -12.03 -18.37
C GLU B 66 14.57 -11.49 -19.68
N LEU B 67 14.82 -10.19 -19.74
CA LEU B 67 15.36 -9.58 -20.92
C LEU B 67 16.83 -9.91 -21.15
N GLY B 68 17.51 -10.39 -20.11
CA GLY B 68 18.93 -10.68 -20.20
C GLY B 68 19.80 -9.45 -20.26
N ILE B 69 19.33 -8.35 -19.68
CA ILE B 69 20.10 -7.11 -19.67
C ILE B 69 20.37 -6.64 -18.26
N SER B 70 21.32 -5.73 -18.15
CA SER B 70 21.63 -5.04 -16.89
C SER B 70 21.31 -3.57 -17.05
N PRO B 71 21.21 -2.83 -15.94
CA PRO B 71 21.10 -1.37 -16.01
C PRO B 71 22.21 -0.70 -16.82
N ASP B 72 23.40 -1.29 -16.84
CA ASP B 72 24.51 -0.74 -17.62
C ASP B 72 24.26 -0.75 -19.11
N ASP B 73 23.31 -1.56 -19.57
CA ASP B 73 22.99 -1.66 -21.01
C ASP B 73 21.98 -0.62 -21.48
N ILE B 74 21.41 0.13 -20.55
CA ILE B 74 20.45 1.16 -20.94
C ILE B 74 21.19 2.35 -21.50
N THR B 75 20.80 2.75 -22.71
CA THR B 75 21.48 3.81 -23.44
C THR B 75 20.77 5.17 -23.38
N ASP B 76 19.46 5.15 -23.20
CA ASP B 76 18.65 6.35 -23.24
C ASP B 76 17.52 6.27 -22.25
N VAL B 77 17.30 7.35 -21.50
CA VAL B 77 16.20 7.44 -20.53
C VAL B 77 15.46 8.76 -20.73
N LEU B 78 14.16 8.68 -20.99
CA LEU B 78 13.31 9.86 -21.20
C LEU B 78 12.32 10.03 -20.06
N PHE B 79 12.08 11.28 -19.68
CA PHE B 79 11.17 11.57 -18.57
C PHE B 79 9.96 12.35 -19.05
N THR B 80 8.76 11.87 -18.73
CA THR B 80 7.56 12.68 -18.89
C THR B 80 7.66 13.96 -18.08
N HIS B 81 8.10 13.82 -16.84
CA HIS B 81 8.38 14.98 -16.01
C HIS B 81 9.22 14.61 -14.80
N VAL B 82 9.59 15.63 -14.05
CA VAL B 82 10.53 15.48 -12.95
C VAL B 82 9.76 15.38 -11.63
N HIS B 83 9.14 14.23 -11.46
CA HIS B 83 8.49 13.83 -10.21
C HIS B 83 9.14 12.52 -9.78
N LEU B 84 9.39 12.41 -8.50
CA LEU B 84 10.22 11.34 -7.97
C LEU B 84 9.74 9.94 -8.33
N ASP B 85 8.41 9.76 -8.33
CA ASP B 85 7.81 8.45 -8.61
C ASP B 85 8.02 8.01 -10.06
N HIS B 86 8.44 8.94 -10.93
CA HIS B 86 8.80 8.65 -12.31
C HIS B 86 10.31 8.58 -12.57
N ILE B 87 11.10 9.30 -11.79
CA ILE B 87 12.51 9.47 -12.10
C ILE B 87 13.50 8.77 -11.17
N PHE B 88 13.05 8.32 -10.01
CA PHE B 88 14.00 7.88 -8.97
C PHE B 88 15.00 6.86 -9.53
N ASN B 89 14.50 5.87 -10.27
CA ASN B 89 15.32 4.75 -10.72
C ASN B 89 16.34 5.16 -11.77
N SER B 90 16.27 6.42 -12.21
CA SER B 90 17.30 6.97 -13.10
C SER B 90 18.70 6.83 -12.51
N VAL B 91 18.81 6.76 -11.18
CA VAL B 91 20.13 6.58 -10.53
C VAL B 91 20.82 5.24 -10.88
N LEU B 92 20.06 4.28 -11.42
CA LEU B 92 20.61 2.96 -11.80
C LEU B 92 21.35 2.96 -13.13
N PHE B 93 21.11 3.96 -13.98
CA PHE B 93 21.54 3.90 -15.37
C PHE B 93 22.71 4.86 -15.58
N GLU B 94 23.90 4.34 -15.33
CA GLU B 94 25.09 5.14 -15.31
C GLU B 94 25.59 5.49 -16.71
N ASN B 95 25.13 4.77 -17.73
CA ASN B 95 25.63 4.91 -19.10
C ASN B 95 24.64 5.58 -20.03
N ALA B 96 23.51 5.99 -19.48
CA ALA B 96 22.43 6.52 -20.30
C ALA B 96 22.58 8.01 -20.55
N THR B 97 22.04 8.43 -21.68
CA THR B 97 21.72 9.83 -21.93
C THR B 97 20.29 10.07 -21.47
N PHE B 98 20.10 11.17 -20.72
CA PHE B 98 18.80 11.53 -20.17
C PHE B 98 18.17 12.65 -20.98
N TYR B 99 16.87 12.53 -21.23
CA TYR B 99 16.11 13.50 -22.00
C TYR B 99 14.98 14.06 -21.16
N VAL B 100 14.86 15.37 -21.14
CA VAL B 100 13.95 16.05 -20.25
C VAL B 100 13.68 17.44 -20.83
N HIS B 101 12.47 17.97 -20.61
CA HIS B 101 12.13 19.27 -21.12
C HIS B 101 12.95 20.33 -20.40
N GLU B 102 13.47 21.28 -21.17
CA GLU B 102 14.40 22.30 -20.71
C GLU B 102 13.91 23.15 -19.53
N VAL B 103 12.59 23.32 -19.38
CA VAL B 103 12.11 24.21 -18.31
C VAL B 103 12.24 23.58 -16.91
N TYR B 104 12.64 22.31 -16.84
CA TYR B 104 12.91 21.71 -15.54
C TYR B 104 14.00 22.47 -14.80
N LYS B 105 14.94 23.07 -15.54
CA LYS B 105 16.01 23.89 -14.97
C LYS B 105 15.51 25.18 -14.27
N THR B 106 14.28 25.60 -14.54
CA THR B 106 13.74 26.84 -13.92
C THR B 106 13.07 26.56 -12.57
N LYS B 107 12.96 25.29 -12.18
CA LYS B 107 12.41 24.96 -10.86
C LYS B 107 13.51 24.87 -9.81
N ASN B 108 13.22 25.37 -8.62
CA ASN B 108 14.14 25.23 -7.47
C ASN B 108 13.72 24.01 -6.66
N TYR B 109 14.35 22.87 -6.96
CA TYR B 109 13.96 21.58 -6.35
C TYR B 109 14.28 21.52 -4.86
N LEU B 110 15.32 22.26 -4.42
CA LEU B 110 15.64 22.38 -2.98
C LEU B 110 14.57 23.11 -2.15
N SER B 111 13.65 23.83 -2.81
CA SER B 111 12.52 24.44 -2.11
C SER B 111 11.32 23.47 -1.97
N PHE B 112 11.42 22.25 -2.51
CA PHE B 112 10.41 21.17 -2.29
C PHE B 112 10.33 20.62 -0.83
N GLY B 113 11.13 21.16 0.09
CA GLY B 113 11.21 20.67 1.47
C GLY B 113 12.65 20.29 1.78
N THR B 114 13.10 20.48 3.01
CA THR B 114 14.48 20.11 3.33
C THR B 114 14.74 18.69 2.83
N ILE B 115 13.93 17.74 3.28
CA ILE B 115 14.19 16.34 3.02
C ILE B 115 13.93 15.99 1.57
N VAL B 116 12.72 16.23 1.11
CA VAL B 116 12.30 15.85 -0.23
C VAL B 116 13.17 16.58 -1.30
N GLY B 117 13.46 17.85 -1.08
CA GLY B 117 14.33 18.61 -1.97
C GLY B 117 15.71 17.98 -2.12
N ARG B 118 16.29 17.50 -1.03
CA ARG B 118 17.58 16.82 -1.06
C ARG B 118 17.56 15.57 -1.92
N ILE B 119 16.48 14.81 -1.85
CA ILE B 119 16.37 13.62 -2.67
C ILE B 119 16.28 13.97 -4.15
N TYR B 120 15.41 14.92 -4.51
CA TYR B 120 15.33 15.37 -5.89
C TYR B 120 16.70 15.82 -6.38
N SER B 121 17.38 16.61 -5.57
CA SER B 121 18.67 17.17 -5.94
C SER B 121 19.71 16.06 -6.21
N LYS B 122 19.76 15.06 -5.35
CA LYS B 122 20.68 13.92 -5.53
C LYS B 122 20.35 13.10 -6.78
N VAL B 123 19.09 12.87 -7.05
CA VAL B 123 18.72 12.15 -8.28
C VAL B 123 19.11 12.94 -9.51
N ILE B 124 18.69 14.20 -9.55
CA ILE B 124 18.93 15.06 -10.69
C ILE B 124 20.42 15.25 -10.96
N SER B 125 21.20 15.39 -9.90
CA SER B 125 22.65 15.52 -10.02
C SER B 125 23.35 14.29 -10.60
N SER B 126 22.71 13.13 -10.54
CA SER B 126 23.29 11.92 -11.07
C SER B 126 23.28 11.87 -12.61
N TRP B 127 22.47 12.72 -13.25
CA TRP B 127 22.35 12.70 -14.70
C TRP B 127 23.53 13.41 -15.32
N LYS B 128 24.50 12.64 -15.80
CA LYS B 128 25.73 13.28 -16.32
C LYS B 128 25.58 13.75 -17.76
N ASN B 129 24.82 13.02 -18.58
CA ASN B 129 24.60 13.45 -19.97
C ASN B 129 23.11 13.68 -20.19
N VAL B 130 22.76 14.94 -20.47
CA VAL B 130 21.39 15.37 -20.54
C VAL B 130 21.12 16.07 -21.86
N VAL B 131 20.06 15.66 -22.54
CA VAL B 131 19.57 16.35 -23.71
C VAL B 131 18.30 17.10 -23.32
N LEU B 132 18.33 18.40 -23.55
CA LEU B 132 17.20 19.26 -23.20
C LEU B 132 16.20 19.33 -24.36
N LEU B 133 14.94 19.00 -24.09
CA LEU B 133 13.91 19.03 -25.12
C LEU B 133 13.03 20.27 -25.00
N LYS B 134 12.40 20.65 -26.10
CA LYS B 134 11.45 21.77 -26.14
C LYS B 134 10.03 21.29 -26.46
N GLY B 135 9.90 20.11 -27.04
CA GLY B 135 8.63 19.66 -27.61
C GLY B 135 8.67 19.70 -29.14
N GLU B 136 7.94 18.79 -29.76
CA GLU B 136 7.87 18.57 -31.21
C GLU B 136 9.01 17.77 -31.82
N GLU B 137 10.04 17.48 -31.04
CA GLU B 137 11.15 16.69 -31.56
C GLU B 137 10.67 15.32 -32.02
N SER B 138 11.30 14.83 -33.06
CA SER B 138 11.14 13.48 -33.57
C SER B 138 12.47 12.75 -33.39
N LEU B 139 12.50 11.76 -32.50
CA LEU B 139 13.74 11.10 -32.07
C LEU B 139 13.79 9.67 -32.54
N PHE B 140 15.00 9.10 -32.53
CA PHE B 140 15.22 7.68 -32.82
C PHE B 140 14.68 7.28 -34.18
N ASP B 141 15.22 7.93 -35.20
CA ASP B 141 14.81 7.73 -36.59
C ASP B 141 13.31 7.89 -36.73
N GLU B 142 12.81 8.99 -36.15
CA GLU B 142 11.39 9.35 -36.22
C GLU B 142 10.45 8.34 -35.59
N LYS B 143 10.93 7.47 -34.70
CA LYS B 143 10.08 6.49 -34.02
C LYS B 143 9.42 7.06 -32.79
N VAL B 144 9.99 8.14 -32.24
CA VAL B 144 9.46 8.75 -31.02
C VAL B 144 9.17 10.22 -31.25
N LYS B 145 7.90 10.60 -31.12
CA LYS B 145 7.50 12.00 -31.20
C LYS B 145 7.31 12.57 -29.81
N VAL B 146 7.92 13.72 -29.58
CA VAL B 146 7.83 14.40 -28.29
C VAL B 146 6.81 15.53 -28.35
N PHE B 147 5.92 15.58 -27.36
CA PHE B 147 4.94 16.65 -27.22
C PHE B 147 5.12 17.34 -25.86
N HIS B 148 5.18 18.66 -25.89
CA HIS B 148 5.12 19.45 -24.66
C HIS B 148 3.67 19.52 -24.19
N THR B 149 3.37 18.92 -23.04
CA THR B 149 2.02 18.81 -22.53
C THR B 149 1.96 19.33 -21.09
N PRO B 150 2.14 20.65 -20.91
CA PRO B 150 2.31 21.18 -19.55
C PRO B 150 0.99 21.34 -18.75
N TRP B 151 0.22 20.27 -18.62
CA TRP B 151 -1.08 20.34 -17.92
C TRP B 151 -0.98 19.40 -16.73
N HIS B 152 0.03 19.68 -15.91
CA HIS B 152 0.38 18.90 -14.73
C HIS B 152 1.64 19.47 -14.09
N ALA B 153 2.64 19.71 -14.93
CA ALA B 153 3.88 20.36 -14.54
C ALA B 153 4.43 21.05 -15.78
N ARG B 154 5.14 22.15 -15.56
CA ARG B 154 5.59 23.01 -16.66
C ARG B 154 6.51 22.29 -17.65
N GLU B 155 7.25 21.30 -17.17
CA GLU B 155 8.20 20.53 -18.00
C GLU B 155 7.61 19.24 -18.56
N HIS B 156 6.31 19.05 -18.43
CA HIS B 156 5.70 17.78 -18.73
C HIS B 156 5.69 17.46 -20.23
N LEU B 157 6.06 16.23 -20.55
CA LEU B 157 6.11 15.71 -21.91
C LEU B 157 5.28 14.44 -22.06
N SER B 158 4.72 14.27 -23.24
CA SER B 158 4.10 13.02 -23.65
C SER B 158 4.83 12.54 -24.90
N PHE B 159 4.79 11.25 -25.12
CA PHE B 159 5.52 10.61 -26.20
C PHE B 159 4.64 9.68 -27.02
N LEU B 160 4.70 9.85 -28.33
CA LEU B 160 4.04 8.97 -29.27
C LEU B 160 5.10 8.09 -29.94
N LEU B 161 4.84 6.79 -29.90
CA LEU B 161 5.79 5.77 -30.30
C LEU B 161 5.22 4.98 -31.47
N ASP B 162 6.05 4.79 -32.48
CA ASP B 162 5.71 3.98 -33.63
C ASP B 162 6.33 2.60 -33.41
N THR B 163 5.57 1.68 -32.83
CA THR B 163 6.12 0.36 -32.50
C THR B 163 5.64 -0.72 -33.46
N GLU B 164 6.47 -1.73 -33.64
CA GLU B 164 6.11 -2.86 -34.48
C GLU B 164 5.08 -3.75 -33.80
N ASN B 165 5.26 -3.99 -32.50
CA ASN B 165 4.47 -4.99 -31.80
C ASN B 165 3.20 -4.46 -31.17
N ALA B 166 3.12 -3.16 -30.92
CA ALA B 166 1.95 -2.58 -30.27
C ALA B 166 1.32 -1.46 -31.08
N GLY B 167 1.79 -1.26 -32.30
CA GLY B 167 1.29 -0.17 -33.13
C GLY B 167 1.64 1.18 -32.56
N ARG B 168 0.74 2.15 -32.75
CA ARG B 168 0.93 3.53 -32.33
C ARG B 168 0.56 3.69 -30.87
N VAL B 169 1.54 4.02 -30.04
CA VAL B 169 1.39 3.99 -28.60
C VAL B 169 1.67 5.38 -28.02
N LEU B 170 0.72 5.90 -27.25
CA LEU B 170 0.88 7.18 -26.57
C LEU B 170 1.19 6.98 -25.09
N ILE B 171 2.40 7.36 -24.71
CA ILE B 171 2.79 7.47 -23.33
C ILE B 171 2.27 8.84 -22.85
N THR B 172 1.18 8.83 -22.09
CA THR B 172 0.48 10.06 -21.74
C THR B 172 1.25 10.90 -20.70
N GLY B 173 1.87 10.21 -19.75
CA GLY B 173 2.33 10.84 -18.53
C GLY B 173 1.14 11.28 -17.69
N ASP B 174 1.39 12.17 -16.76
CA ASP B 174 0.45 12.50 -15.71
C ASP B 174 -0.66 13.47 -16.07
N ILE B 175 -0.74 13.88 -17.34
CA ILE B 175 -1.91 14.61 -17.81
C ILE B 175 -3.17 13.74 -17.77
N THR B 176 -2.99 12.41 -17.84
CA THR B 176 -4.04 11.43 -17.62
C THR B 176 -3.44 10.29 -16.82
N PRO B 177 -3.47 10.40 -15.50
CA PRO B 177 -2.75 9.41 -14.70
C PRO B 177 -3.29 7.97 -14.78
N ASN B 178 -4.58 7.83 -15.06
CA ASN B 178 -5.20 6.53 -15.06
C ASN B 178 -6.41 6.53 -16.00
N ARG B 179 -7.07 5.37 -16.10
CA ARG B 179 -8.21 5.20 -17.01
C ARG B 179 -9.37 6.10 -16.68
N LEU B 180 -9.66 6.28 -15.40
CA LEU B 180 -10.75 7.15 -15.00
C LEU B 180 -10.55 8.59 -15.47
N SER B 181 -9.32 9.08 -15.43
CA SER B 181 -9.05 10.44 -15.87
C SER B 181 -9.25 10.59 -17.37
N TYR B 182 -8.89 9.54 -18.11
CA TYR B 182 -9.15 9.49 -19.55
C TYR B 182 -10.65 9.44 -19.82
N TYR B 183 -11.37 8.60 -19.09
CA TYR B 183 -12.81 8.55 -19.25
C TYR B 183 -13.48 9.91 -18.94
N ASP B 184 -12.98 10.63 -17.94
CA ASP B 184 -13.51 11.96 -17.65
C ASP B 184 -13.37 12.90 -18.86
N ILE B 185 -12.24 12.84 -19.56
CA ILE B 185 -12.05 13.57 -20.85
C ILE B 185 -13.12 13.17 -21.88
N ILE B 186 -13.24 11.88 -22.16
CA ILE B 186 -14.25 11.39 -23.08
C ILE B 186 -15.67 11.83 -22.71
N LYS B 187 -16.02 11.82 -21.42
CA LYS B 187 -17.35 12.19 -21.02
C LYS B 187 -17.58 13.71 -21.09
N GLY B 188 -16.53 14.50 -21.38
CA GLY B 188 -16.67 15.92 -21.63
C GLY B 188 -16.40 16.87 -20.46
N TYR B 189 -15.96 16.37 -19.30
CA TYR B 189 -15.82 17.29 -18.17
C TYR B 189 -14.40 17.32 -17.60
N GLY B 190 -13.46 16.73 -18.32
CA GLY B 190 -12.05 16.83 -17.95
C GLY B 190 -11.38 18.03 -18.61
N SER B 191 -10.05 18.05 -18.57
CA SER B 191 -9.25 19.13 -19.12
C SER B 191 -9.52 19.35 -20.61
N VAL B 192 -9.89 20.57 -20.95
CA VAL B 192 -10.08 20.96 -22.33
C VAL B 192 -8.74 20.85 -23.11
N GLN B 193 -7.63 21.16 -22.45
CA GLN B 193 -6.31 21.15 -23.09
C GLN B 193 -5.88 19.72 -23.40
N VAL B 194 -6.15 18.81 -22.47
CA VAL B 194 -5.81 17.41 -22.67
C VAL B 194 -6.69 16.80 -23.77
N LYS B 195 -7.98 17.13 -23.76
CA LYS B 195 -8.88 16.66 -24.81
C LYS B 195 -8.40 17.15 -26.21
N ASN B 196 -8.07 18.44 -26.31
CA ASN B 196 -7.54 19.00 -27.54
C ASN B 196 -6.29 18.26 -27.98
N PHE B 197 -5.42 17.93 -27.03
CA PHE B 197 -4.19 17.22 -27.32
C PHE B 197 -4.44 15.82 -27.87
N LEU B 198 -5.34 15.09 -27.24
CA LEU B 198 -5.71 13.77 -27.72
C LEU B 198 -6.33 13.82 -29.11
N ASP B 199 -7.14 14.84 -29.38
CA ASP B 199 -7.72 15.04 -30.72
C ASP B 199 -6.64 15.31 -31.75
N ARG B 200 -5.62 16.06 -31.36
CA ARG B 200 -4.49 16.33 -32.23
C ARG B 200 -3.73 15.05 -32.59
N VAL B 201 -3.47 14.22 -31.59
CA VAL B 201 -2.72 12.98 -31.80
C VAL B 201 -3.52 12.05 -32.74
N GLY B 202 -4.82 12.02 -32.58
CA GLY B 202 -5.64 11.20 -33.46
C GLY B 202 -5.60 9.73 -33.11
N ARG B 203 -5.77 8.89 -34.13
CA ARG B 203 -6.01 7.47 -33.91
C ARG B 203 -4.71 6.82 -33.44
N ILE B 204 -4.80 6.13 -32.31
CA ILE B 204 -3.72 5.35 -31.79
C ILE B 204 -4.20 3.99 -31.36
N ASP B 205 -3.26 3.07 -31.16
CA ASP B 205 -3.58 1.70 -30.81
C ASP B 205 -3.60 1.45 -29.33
N LEU B 206 -2.82 2.24 -28.57
CA LEU B 206 -2.67 2.01 -27.14
C LEU B 206 -2.35 3.27 -26.37
N LEU B 207 -3.08 3.47 -25.29
CA LEU B 207 -2.81 4.53 -24.31
C LEU B 207 -2.10 3.90 -23.13
N VAL B 208 -0.89 4.38 -22.84
CA VAL B 208 -0.11 3.92 -21.69
C VAL B 208 -0.11 5.03 -20.64
N PHE B 209 -0.89 4.80 -19.60
CA PHE B 209 -1.00 5.70 -18.45
C PHE B 209 0.16 5.44 -17.49
N PRO B 210 0.52 6.45 -16.69
CA PRO B 210 1.62 6.29 -15.72
C PRO B 210 1.22 5.56 -14.42
N HIS B 211 -0.08 5.51 -14.10
CA HIS B 211 -0.55 4.93 -12.84
C HIS B 211 -1.75 4.02 -13.04
N ASP B 212 -1.73 3.27 -14.14
CA ASP B 212 -2.79 2.30 -14.39
C ASP B 212 -2.33 1.38 -15.52
N ALA B 213 -3.06 0.29 -15.70
CA ALA B 213 -2.86 -0.59 -16.84
C ALA B 213 -3.25 0.15 -18.13
N PRO B 214 -2.59 -0.18 -19.24
CA PRO B 214 -2.87 0.51 -20.50
C PRO B 214 -4.25 0.17 -21.06
N LEU B 215 -4.69 0.97 -22.02
CA LEU B 215 -5.99 0.83 -22.59
C LEU B 215 -5.96 1.06 -24.12
N LYS B 216 -6.66 0.21 -24.85
CA LYS B 216 -6.99 0.44 -26.25
C LYS B 216 -8.10 1.50 -26.28
N PRO B 217 -7.86 2.65 -26.92
CA PRO B 217 -8.88 3.69 -26.92
C PRO B 217 -10.17 3.35 -27.68
N GLU B 218 -11.23 4.09 -27.33
CA GLU B 218 -12.51 4.09 -28.09
C GLU B 218 -12.30 4.45 -29.57
N VAL B 219 -13.10 3.84 -30.44
CA VAL B 219 -13.04 4.05 -31.92
C VAL B 219 -12.77 5.51 -32.36
N HIS C 11 -28.21 26.18 17.78
CA HIS C 11 -27.68 24.77 17.68
C HIS C 11 -26.57 24.65 16.64
N HIS C 12 -25.35 24.46 17.12
CA HIS C 12 -24.16 24.43 16.27
C HIS C 12 -23.88 23.02 15.75
N GLU C 14 -20.79 20.57 14.68
CA GLU C 14 -19.37 20.40 14.90
C GLU C 14 -18.86 19.34 13.92
N LEU C 15 -17.70 19.60 13.34
CA LEU C 15 -17.05 18.69 12.38
C LEU C 15 -15.86 17.98 13.01
N LYS C 16 -15.75 16.69 12.75
CA LYS C 16 -14.50 15.96 12.96
C LYS C 16 -14.17 15.12 11.73
N ILE C 17 -12.95 15.24 11.24
CA ILE C 17 -12.49 14.38 10.15
C ILE C 17 -11.91 13.12 10.77
N LEU C 18 -12.62 11.99 10.63
CA LEU C 18 -12.20 10.75 11.29
C LEU C 18 -11.04 10.09 10.58
N VAL C 19 -11.06 10.18 9.26
CA VAL C 19 -10.07 9.56 8.40
C VAL C 19 -9.80 10.53 7.28
N THR C 20 -8.53 10.85 7.01
CA THR C 20 -8.17 11.51 5.73
C THR C 20 -7.84 10.40 4.73
N GLY C 21 -8.49 10.45 3.57
CA GLY C 21 -8.42 9.39 2.61
C GLY C 21 -7.11 9.32 1.83
N GLY C 22 -6.99 8.27 1.05
CA GLY C 22 -5.78 8.06 0.26
C GLY C 22 -6.06 7.03 -0.80
N ASN C 23 -4.97 6.50 -1.36
CA ASN C 23 -5.05 5.55 -2.46
C ASN C 23 -4.08 4.43 -2.24
N VAL C 24 -4.53 3.23 -2.48
CA VAL C 24 -3.62 2.09 -2.53
C VAL C 24 -4.09 1.28 -3.70
N PHE C 25 -3.28 1.26 -4.75
CA PHE C 25 -3.69 0.69 -6.02
C PHE C 25 -2.52 0.14 -6.77
N VAL C 26 -2.56 -1.17 -7.03
CA VAL C 26 -1.63 -1.83 -7.90
C VAL C 26 -2.49 -2.55 -8.95
N PRO C 27 -2.40 -2.13 -10.22
CA PRO C 27 -3.21 -2.78 -11.25
C PRO C 27 -3.08 -4.28 -11.21
N GLY C 28 -4.24 -4.93 -11.15
CA GLY C 28 -4.32 -6.39 -11.26
C GLY C 28 -4.05 -7.11 -9.95
N ARG C 29 -3.80 -6.38 -8.86
CA ARG C 29 -3.27 -7.02 -7.65
C ARG C 29 -3.80 -6.47 -6.37
N LEU C 30 -4.09 -5.17 -6.31
CA LEU C 30 -4.44 -4.54 -5.06
C LEU C 30 -5.27 -3.32 -5.26
N ASN C 31 -6.43 -3.34 -4.64
CA ASN C 31 -7.31 -2.22 -4.65
C ASN C 31 -7.73 -1.92 -3.23
N ALA C 32 -7.11 -0.93 -2.63
CA ALA C 32 -7.50 -0.56 -1.29
C ALA C 32 -7.65 0.95 -1.15
N HIS C 33 -8.18 1.60 -2.18
CA HIS C 33 -8.56 3.00 -2.06
C HIS C 33 -9.48 3.16 -0.87
N PHE C 34 -9.38 4.30 -0.20
CA PHE C 34 -10.17 4.58 0.98
C PHE C 34 -10.44 6.07 1.05
N SER C 35 -11.71 6.40 1.24
CA SER C 35 -12.13 7.79 1.29
C SER C 35 -11.93 8.39 2.68
N THR C 36 -11.78 9.72 2.67
CA THR C 36 -11.97 10.54 3.83
C THR C 36 -13.33 10.23 4.45
N VAL C 37 -13.37 10.26 5.79
CA VAL C 37 -14.60 9.98 6.51
C VAL C 37 -14.86 11.19 7.41
N VAL C 38 -16.00 11.82 7.19
CA VAL C 38 -16.40 13.04 7.93
C VAL C 38 -17.51 12.72 8.92
N TYR C 39 -17.36 13.19 10.16
CA TYR C 39 -18.33 13.04 11.21
C TYR C 39 -18.85 14.41 11.62
N LEU C 40 -20.17 14.52 11.79
CA LEU C 40 -20.82 15.78 12.20
C LEU C 40 -21.79 15.50 13.31
N GLU C 41 -21.81 16.38 14.31
CA GLU C 41 -22.83 16.34 15.35
C GLU C 41 -23.65 17.60 15.27
N HIS C 42 -24.97 17.44 15.23
CA HIS C 42 -25.88 18.56 15.20
C HIS C 42 -27.15 18.11 15.90
N LYS C 43 -27.52 18.84 16.96
CA LYS C 43 -28.64 18.47 17.83
C LYS C 43 -28.46 17.01 18.27
N ASP C 44 -29.43 16.17 17.97
CA ASP C 44 -29.41 14.75 18.33
C ASP C 44 -28.99 13.86 17.17
N ARG C 45 -28.41 14.46 16.12
CA ARG C 45 -27.98 13.71 14.95
C ARG C 45 -26.48 13.46 15.02
N ARG C 46 -26.09 12.25 14.63
CA ARG C 46 -24.70 11.87 14.52
C ARG C 46 -24.54 11.41 13.07
N ILE C 47 -23.83 12.22 12.30
CA ILE C 47 -23.88 12.15 10.84
C ILE C 47 -22.51 11.77 10.31
N ILE C 48 -22.50 10.82 9.37
CA ILE C 48 -21.30 10.47 8.60
C ILE C 48 -21.47 10.80 7.13
N ILE C 49 -20.48 11.45 6.54
CA ILE C 49 -20.42 11.65 5.09
C ILE C 49 -19.25 10.85 4.56
N ASP C 50 -19.57 9.90 3.69
CA ASP C 50 -18.64 8.91 3.12
C ASP C 50 -18.00 8.05 4.23
N PRO C 51 -18.70 6.98 4.63
CA PRO C 51 -18.22 6.09 5.70
C PRO C 51 -16.91 5.38 5.43
N GLY C 52 -16.50 5.31 4.16
CA GLY C 52 -15.19 4.82 3.80
C GLY C 52 -15.10 3.33 3.52
N ASN C 53 -13.87 2.84 3.54
CA ASN C 53 -13.55 1.48 3.11
C ASN C 53 -13.02 0.67 4.27
N LEU C 54 -13.08 -0.63 4.08
CA LEU C 54 -12.72 -1.61 5.07
C LEU C 54 -11.32 -1.39 5.65
N SER C 55 -10.41 -0.89 4.81
CA SER C 55 -9.03 -0.73 5.20
C SER C 55 -8.79 0.38 6.27
N SER C 56 -9.81 1.23 6.50
CA SER C 56 -9.82 2.26 7.54
C SER C 56 -10.35 1.75 8.88
N ASP C 58 -9.23 0.08 11.55
CA ASP C 58 -8.51 0.39 12.77
C ASP C 58 -8.56 1.88 13.11
N GLU C 59 -8.46 2.76 12.12
CA GLU C 59 -8.52 4.20 12.40
C GLU C 59 -9.91 4.54 12.95
N LEU C 60 -10.95 3.99 12.31
CA LEU C 60 -12.33 4.22 12.76
C LEU C 60 -12.60 3.70 14.15
N GLU C 61 -12.08 2.53 14.45
CA GLU C 61 -12.21 1.95 15.80
C GLU C 61 -11.70 2.94 16.85
N GLU C 62 -10.51 3.48 16.58
CA GLU C 62 -9.83 4.44 17.44
C GLU C 62 -10.65 5.73 17.60
N LYS C 63 -11.16 6.26 16.49
CA LYS C 63 -11.90 7.51 16.53
C LYS C 63 -13.27 7.34 17.19
N PHE C 64 -13.95 6.23 16.91
CA PHE C 64 -15.24 5.94 17.59
C PHE C 64 -15.05 5.79 19.10
N SER C 65 -13.98 5.12 19.47
CA SER C 65 -13.64 4.95 20.86
C SER C 65 -13.33 6.30 21.54
N GLU C 66 -12.59 7.19 20.88
CA GLU C 66 -12.34 8.55 21.40
C GLU C 66 -13.63 9.33 21.56
N LEU C 67 -14.53 9.20 20.61
CA LEU C 67 -15.81 9.89 20.65
C LEU C 67 -16.79 9.30 21.67
N GLY C 68 -16.53 8.08 22.12
CA GLY C 68 -17.43 7.41 23.06
C GLY C 68 -18.72 6.94 22.40
N ILE C 69 -18.69 6.68 21.10
CA ILE C 69 -19.88 6.22 20.39
C ILE C 69 -19.68 4.89 19.71
N SER C 70 -20.81 4.29 19.37
CA SER C 70 -20.86 3.07 18.60
C SER C 70 -21.35 3.39 17.18
N PRO C 71 -21.08 2.49 16.22
CA PRO C 71 -21.77 2.57 14.94
C PRO C 71 -23.29 2.54 15.05
N ASP C 72 -23.84 1.91 16.08
CA ASP C 72 -25.28 1.94 16.32
C ASP C 72 -25.88 3.32 16.60
N ASP C 73 -25.03 4.26 16.99
CA ASP C 73 -25.43 5.62 17.35
C ASP C 73 -25.43 6.56 16.12
N ILE C 74 -24.93 6.09 14.99
CA ILE C 74 -24.97 6.89 13.77
C ILE C 74 -26.41 6.94 13.22
N THR C 75 -26.96 8.16 13.08
CA THR C 75 -28.34 8.37 12.65
C THR C 75 -28.49 8.67 11.16
N ASP C 76 -27.45 9.24 10.54
CA ASP C 76 -27.54 9.71 9.15
C ASP C 76 -26.23 9.46 8.45
N VAL C 77 -26.30 8.93 7.22
CA VAL C 77 -25.12 8.68 6.39
C VAL C 77 -25.38 9.22 5.00
N LEU C 78 -24.51 10.13 4.53
CA LEU C 78 -24.60 10.71 3.19
C LEU C 78 -23.43 10.27 2.34
N PHE C 79 -23.71 10.03 1.07
CA PHE C 79 -22.71 9.57 0.11
C PHE C 79 -22.48 10.64 -0.95
N THR C 80 -21.22 11.03 -1.17
CA THR C 80 -20.88 11.80 -2.36
C THR C 80 -21.23 11.00 -3.61
N HIS C 81 -20.91 9.70 -3.60
CA HIS C 81 -21.29 8.83 -4.69
C HIS C 81 -21.10 7.37 -4.33
N VAL C 82 -21.60 6.50 -5.21
CA VAL C 82 -21.68 5.08 -4.95
C VAL C 82 -20.44 4.38 -5.57
N HIS C 83 -19.29 4.59 -4.95
CA HIS C 83 -18.07 3.85 -5.23
C HIS C 83 -17.67 3.20 -3.92
N LEU C 84 -17.18 1.98 -4.03
CA LEU C 84 -16.97 1.11 -2.89
C LEU C 84 -16.06 1.69 -1.82
N ASP C 85 -15.04 2.44 -2.24
CA ASP C 85 -14.07 3.03 -1.31
C ASP C 85 -14.65 4.15 -0.46
N HIS C 86 -15.85 4.60 -0.83
CA HIS C 86 -16.61 5.59 -0.08
C HIS C 86 -17.76 5.03 0.74
N ILE C 87 -18.32 3.92 0.29
CA ILE C 87 -19.58 3.43 0.82
C ILE C 87 -19.48 2.14 1.64
N PHE C 88 -18.38 1.40 1.52
CA PHE C 88 -18.32 0.04 2.07
C PHE C 88 -18.76 0.00 3.54
N ASN C 89 -18.24 0.93 4.34
CA ASN C 89 -18.45 0.94 5.79
C ASN C 89 -19.87 1.28 6.17
N SER C 90 -20.69 1.63 5.18
CA SER C 90 -22.14 1.80 5.42
C SER C 90 -22.77 0.55 6.05
N VAL C 91 -22.17 -0.62 5.83
CA VAL C 91 -22.68 -1.88 6.41
C VAL C 91 -22.65 -1.92 7.94
N LEU C 92 -21.86 -1.03 8.54
CA LEU C 92 -21.75 -0.91 10.00
C LEU C 92 -22.89 -0.14 10.66
N PHE C 93 -23.61 0.64 9.87
CA PHE C 93 -24.55 1.59 10.44
C PHE C 93 -25.99 1.16 10.19
N GLU C 94 -26.48 0.25 11.00
CA GLU C 94 -27.76 -0.38 10.75
C GLU C 94 -28.95 0.50 11.17
N ASN C 95 -28.69 1.55 11.94
CA ASN C 95 -29.74 2.41 12.47
C ASN C 95 -29.86 3.72 11.72
N ALA C 96 -29.04 3.89 10.69
CA ALA C 96 -28.94 5.15 9.99
C ALA C 96 -29.95 5.25 8.85
N THR C 97 -30.29 6.50 8.52
CA THR C 97 -30.91 6.83 7.26
C THR C 97 -29.81 7.19 6.27
N PHE C 98 -29.90 6.65 5.06
CA PHE C 98 -28.91 6.88 4.02
C PHE C 98 -29.41 7.89 3.01
N TYR C 99 -28.53 8.79 2.59
CA TYR C 99 -28.85 9.83 1.62
C TYR C 99 -27.94 9.71 0.40
N VAL C 100 -28.55 9.70 -0.77
CA VAL C 100 -27.83 9.45 -2.01
C VAL C 100 -28.60 10.05 -3.19
N HIS C 101 -27.90 10.45 -4.23
CA HIS C 101 -28.58 11.01 -5.38
C HIS C 101 -29.41 9.93 -6.08
N GLU C 102 -30.64 10.28 -6.43
CA GLU C 102 -31.60 9.35 -7.02
C GLU C 102 -31.15 8.58 -8.25
N VAL C 103 -30.24 9.16 -9.03
CA VAL C 103 -29.86 8.54 -10.28
C VAL C 103 -28.96 7.31 -10.07
N TYR C 104 -28.56 7.03 -8.82
CA TYR C 104 -27.80 5.82 -8.54
C TYR C 104 -28.62 4.60 -8.89
N LYS C 105 -29.95 4.70 -8.77
CA LYS C 105 -30.84 3.60 -9.12
C LYS C 105 -30.84 3.23 -10.62
N THR C 106 -30.32 4.10 -11.48
CA THR C 106 -30.29 3.84 -12.91
C THR C 106 -29.05 3.06 -13.36
N LYS C 107 -28.12 2.83 -12.44
CA LYS C 107 -26.93 2.03 -12.74
C LYS C 107 -27.14 0.54 -12.41
N ASN C 108 -26.65 -0.33 -13.30
CA ASN C 108 -26.69 -1.78 -13.03
C ASN C 108 -25.37 -2.17 -12.36
N TYR C 109 -25.40 -2.24 -11.04
CA TYR C 109 -24.17 -2.53 -10.27
C TYR C 109 -23.70 -3.98 -10.46
N LEU C 110 -24.61 -4.92 -10.74
CA LEU C 110 -24.22 -6.30 -11.06
C LEU C 110 -23.43 -6.44 -12.39
N SER C 111 -23.48 -5.42 -13.24
CA SER C 111 -22.66 -5.38 -14.46
C SER C 111 -21.21 -4.91 -14.21
N PHE C 112 -20.91 -4.46 -12.98
CA PHE C 112 -19.54 -4.08 -12.56
C PHE C 112 -18.52 -5.25 -12.53
N GLY C 113 -18.96 -6.47 -12.87
CA GLY C 113 -18.11 -7.65 -12.78
C GLY C 113 -18.77 -8.64 -11.85
N THR C 114 -18.60 -9.94 -12.11
CA THR C 114 -19.28 -10.95 -11.30
C THR C 114 -18.94 -10.68 -9.82
N ILE C 115 -17.65 -10.60 -9.48
CA ILE C 115 -17.24 -10.44 -8.08
C ILE C 115 -17.50 -9.06 -7.50
N VAL C 116 -17.00 -8.02 -8.16
CA VAL C 116 -17.15 -6.66 -7.68
C VAL C 116 -18.64 -6.24 -7.65
N GLY C 117 -19.42 -6.66 -8.65
CA GLY C 117 -20.85 -6.36 -8.68
C GLY C 117 -21.57 -6.94 -7.48
N ARG C 118 -21.21 -8.15 -7.09
CA ARG C 118 -21.79 -8.81 -5.92
C ARG C 118 -21.54 -8.06 -4.64
N ILE C 119 -20.34 -7.50 -4.51
CA ILE C 119 -20.01 -6.75 -3.32
C ILE C 119 -20.80 -5.42 -3.26
N TYR C 120 -20.86 -4.70 -4.38
CA TYR C 120 -21.71 -3.51 -4.49
C TYR C 120 -23.14 -3.86 -4.13
N SER C 121 -23.65 -4.92 -4.72
CA SER C 121 -25.06 -5.28 -4.50
C SER C 121 -25.33 -5.60 -3.03
N LYS C 122 -24.43 -6.32 -2.39
CA LYS C 122 -24.58 -6.61 -0.96
C LYS C 122 -24.52 -5.36 -0.07
N VAL C 123 -23.61 -4.45 -0.37
CA VAL C 123 -23.54 -3.22 0.39
C VAL C 123 -24.82 -2.40 0.19
N ILE C 124 -25.23 -2.20 -1.05
CA ILE C 124 -26.36 -1.34 -1.36
C ILE C 124 -27.66 -1.91 -0.78
N SER C 125 -27.81 -3.24 -0.79
CA SER C 125 -28.99 -3.90 -0.24
C SER C 125 -29.09 -3.76 1.26
N SER C 126 -28.00 -3.42 1.93
CA SER C 126 -28.02 -3.24 3.37
C SER C 126 -28.67 -1.93 3.78
N TRP C 127 -28.83 -0.98 2.85
CA TRP C 127 -29.42 0.32 3.17
C TRP C 127 -30.95 0.19 3.26
N LYS C 128 -31.46 0.09 4.48
CA LYS C 128 -32.90 -0.15 4.65
C LYS C 128 -33.73 1.13 4.56
N ASN C 129 -33.20 2.24 5.06
CA ASN C 129 -33.91 3.52 4.95
C ASN C 129 -33.10 4.48 4.13
N VAL C 130 -33.63 4.85 2.97
CA VAL C 130 -32.91 5.67 1.99
C VAL C 130 -33.71 6.92 1.64
N VAL C 131 -33.06 8.07 1.68
CA VAL C 131 -33.62 9.30 1.18
C VAL C 131 -32.91 9.62 -0.12
N LEU C 132 -33.69 9.74 -1.19
CA LEU C 132 -33.18 10.04 -2.52
C LEU C 132 -33.05 11.54 -2.72
N LEU C 133 -31.88 12.00 -3.09
CA LEU C 133 -31.63 13.43 -3.32
C LEU C 133 -31.58 13.76 -4.80
N LYS C 134 -31.87 15.02 -5.14
CA LYS C 134 -31.76 15.55 -6.52
C LYS C 134 -30.67 16.60 -6.68
N GLY C 135 -30.22 17.18 -5.57
CA GLY C 135 -29.35 18.36 -5.62
C GLY C 135 -30.13 19.61 -5.22
N GLU C 136 -29.41 20.55 -4.60
CA GLU C 136 -29.93 21.82 -4.11
C GLU C 136 -30.68 21.74 -2.78
N GLU C 137 -30.87 20.54 -2.23
CA GLU C 137 -31.49 20.43 -0.92
C GLU C 137 -30.64 21.11 0.16
N SER C 138 -31.32 21.70 1.13
CA SER C 138 -30.67 22.16 2.37
C SER C 138 -31.19 21.27 3.49
N LEU C 139 -30.27 20.55 4.14
CA LEU C 139 -30.58 19.57 5.15
C LEU C 139 -30.08 20.01 6.52
N PHE C 140 -30.64 19.37 7.55
CA PHE C 140 -30.26 19.58 8.97
C PHE C 140 -30.31 21.06 9.36
N ASP C 141 -31.52 21.59 9.35
CA ASP C 141 -31.78 22.99 9.67
C ASP C 141 -30.85 23.91 8.88
N GLU C 142 -30.75 23.62 7.58
CA GLU C 142 -29.97 24.42 6.64
C GLU C 142 -28.47 24.43 6.87
N LYS C 143 -27.96 23.47 7.64
CA LYS C 143 -26.53 23.40 7.93
C LYS C 143 -25.75 22.71 6.81
N VAL C 144 -26.46 21.90 6.02
CA VAL C 144 -25.84 21.14 4.93
C VAL C 144 -26.54 21.44 3.64
N LYS C 145 -25.79 21.97 2.69
CA LYS C 145 -26.30 22.25 1.36
C LYS C 145 -25.75 21.20 0.37
N VAL C 146 -26.67 20.60 -0.38
CA VAL C 146 -26.39 19.53 -1.31
C VAL C 146 -26.28 20.08 -2.73
N PHE C 147 -25.16 19.74 -3.41
CA PHE C 147 -24.97 20.13 -4.82
C PHE C 147 -24.77 18.89 -5.67
N HIS C 148 -25.50 18.83 -6.78
CA HIS C 148 -25.32 17.78 -7.77
C HIS C 148 -24.09 18.14 -8.60
N THR C 149 -23.06 17.32 -8.52
CA THR C 149 -21.76 17.62 -9.16
C THR C 149 -21.31 16.42 -10.01
N PRO C 150 -22.01 16.16 -11.12
CA PRO C 150 -21.84 14.91 -11.86
C PRO C 150 -20.62 14.88 -12.77
N TRP C 151 -19.45 15.22 -12.24
CA TRP C 151 -18.25 15.32 -13.05
C TRP C 151 -17.27 14.29 -12.53
N HIS C 152 -17.74 13.04 -12.53
CA HIS C 152 -17.01 11.91 -12.01
C HIS C 152 -17.91 10.67 -12.09
N ALA C 153 -19.14 10.85 -11.62
CA ALA C 153 -20.19 9.83 -11.71
C ALA C 153 -21.53 10.56 -11.73
N ARG C 154 -22.50 10.00 -12.44
CA ARG C 154 -23.77 10.69 -12.68
C ARG C 154 -24.52 11.06 -11.38
N GLU C 155 -24.31 10.25 -10.34
CA GLU C 155 -24.97 10.47 -9.05
C GLU C 155 -24.15 11.30 -8.08
N HIS C 156 -23.01 11.82 -8.52
CA HIS C 156 -22.07 12.47 -7.62
C HIS C 156 -22.62 13.76 -6.97
N LEU C 157 -22.42 13.86 -5.67
CA LEU C 157 -22.79 15.01 -4.88
C LEU C 157 -21.61 15.60 -4.14
N SER C 158 -21.68 16.92 -3.94
CA SER C 158 -20.80 17.64 -3.03
C SER C 158 -21.64 18.29 -1.96
N PHE C 159 -21.04 18.49 -0.78
CA PHE C 159 -21.77 19.02 0.39
C PHE C 159 -21.07 20.24 1.00
N LEU C 160 -21.82 21.32 1.17
CA LEU C 160 -21.31 22.51 1.83
C LEU C 160 -21.88 22.55 3.24
N LEU C 161 -20.99 22.70 4.22
CA LEU C 161 -21.36 22.56 5.63
C LEU C 161 -21.09 23.87 6.36
N ASP C 162 -22.06 24.29 7.14
CA ASP C 162 -21.94 25.46 7.97
C ASP C 162 -21.58 24.98 9.38
N THR C 163 -20.28 24.90 9.70
CA THR C 163 -19.81 24.35 10.98
C THR C 163 -19.34 25.47 11.93
N GLU C 164 -19.48 25.20 13.22
CA GLU C 164 -19.06 26.12 14.24
C GLU C 164 -17.53 26.12 14.39
N ASN C 165 -16.91 24.95 14.28
CA ASN C 165 -15.51 24.81 14.62
C ASN C 165 -14.56 24.92 13.45
N ALA C 166 -15.06 24.74 12.24
CA ALA C 166 -14.21 24.78 11.05
C ALA C 166 -14.72 25.75 10.00
N GLY C 167 -15.75 26.52 10.36
CA GLY C 167 -16.35 27.47 9.43
C GLY C 167 -17.07 26.75 8.30
N ARG C 168 -16.98 27.35 7.12
CA ARG C 168 -17.67 26.89 5.95
C ARG C 168 -16.81 25.89 5.18
N VAL C 169 -17.31 24.66 5.09
CA VAL C 169 -16.50 23.53 4.66
C VAL C 169 -17.14 22.87 3.47
N LEU C 170 -16.34 22.65 2.43
CA LEU C 170 -16.82 21.95 1.24
C LEU C 170 -16.24 20.57 1.21
N ILE C 171 -17.14 19.60 1.31
CA ILE C 171 -16.83 18.20 1.04
C ILE C 171 -16.95 18.01 -0.47
N THR C 172 -15.82 17.93 -1.15
CA THR C 172 -15.81 17.98 -2.62
C THR C 172 -16.30 16.71 -3.26
N GLY C 173 -15.96 15.58 -2.64
CA GLY C 173 -16.04 14.32 -3.32
C GLY C 173 -14.99 14.24 -4.43
N ASP C 174 -15.19 13.25 -5.31
CA ASP C 174 -14.18 12.87 -6.28
C ASP C 174 -14.09 13.73 -7.50
N ILE C 175 -14.83 14.84 -7.54
CA ILE C 175 -14.61 15.83 -8.59
C ILE C 175 -13.22 16.48 -8.42
N THR C 176 -12.69 16.48 -7.20
CA THR C 176 -11.33 16.90 -6.87
C THR C 176 -10.79 15.93 -5.81
N PRO C 177 -10.22 14.80 -6.24
CA PRO C 177 -9.82 13.78 -5.30
C PRO C 177 -8.73 14.17 -4.31
N ASN C 178 -7.86 15.07 -4.72
CA ASN C 178 -6.73 15.47 -3.90
C ASN C 178 -6.33 16.91 -4.19
N ARG C 179 -5.30 17.37 -3.50
CA ARG C 179 -4.83 18.73 -3.60
C ARG C 179 -4.31 19.06 -4.99
N LEU C 180 -3.58 18.13 -5.60
CA LEU C 180 -3.05 18.33 -6.96
C LEU C 180 -4.17 18.60 -7.95
N SER C 181 -5.28 17.89 -7.80
CA SER C 181 -6.38 18.08 -8.75
C SER C 181 -7.02 19.47 -8.57
N TYR C 182 -7.06 19.94 -7.33
CA TYR C 182 -7.51 21.30 -7.04
C TYR C 182 -6.55 22.34 -7.60
N TYR C 183 -5.25 22.12 -7.45
CA TYR C 183 -4.27 23.01 -7.99
C TYR C 183 -4.35 23.09 -9.51
N ASP C 184 -4.63 21.98 -10.18
CA ASP C 184 -4.79 21.97 -11.61
C ASP C 184 -5.95 22.89 -12.06
N ILE C 185 -7.05 22.85 -11.33
CA ILE C 185 -8.17 23.78 -11.57
C ILE C 185 -7.75 25.27 -11.39
N ILE C 186 -7.09 25.56 -10.28
CA ILE C 186 -6.53 26.90 -10.07
C ILE C 186 -5.59 27.35 -11.17
N LYS C 187 -4.75 26.44 -11.67
CA LYS C 187 -3.81 26.78 -12.71
C LYS C 187 -4.45 26.97 -14.09
N GLY C 188 -5.72 26.62 -14.21
CA GLY C 188 -6.48 26.88 -15.43
C GLY C 188 -6.59 25.74 -16.43
N TYR C 189 -6.15 24.52 -16.10
CA TYR C 189 -6.19 23.45 -17.08
C TYR C 189 -6.97 22.23 -16.61
N GLY C 190 -7.66 22.36 -15.49
CA GLY C 190 -8.55 21.30 -15.03
C GLY C 190 -9.96 21.48 -15.59
N SER C 191 -10.89 20.71 -15.05
CA SER C 191 -12.30 20.74 -15.44
C SER C 191 -12.90 22.12 -15.34
N VAL C 192 -13.46 22.60 -16.47
CA VAL C 192 -14.17 23.86 -16.49
C VAL C 192 -15.43 23.81 -15.62
N GLN C 193 -16.10 22.66 -15.59
CA GLN C 193 -17.32 22.49 -14.79
C GLN C 193 -17.02 22.56 -13.29
N VAL C 194 -15.94 21.93 -12.87
CA VAL C 194 -15.56 21.97 -11.48
C VAL C 194 -15.12 23.39 -11.08
N LYS C 195 -14.37 24.03 -11.95
CA LYS C 195 -13.95 25.41 -11.74
C LYS C 195 -15.15 26.33 -11.57
N ASN C 196 -16.13 26.22 -12.46
CA ASN C 196 -17.33 27.03 -12.34
C ASN C 196 -18.09 26.68 -11.06
N PHE C 197 -18.10 25.42 -10.67
CA PHE C 197 -18.77 25.04 -9.43
C PHE C 197 -18.11 25.71 -8.22
N LEU C 198 -16.79 25.64 -8.15
CA LEU C 198 -16.06 26.25 -7.05
C LEU C 198 -16.28 27.76 -7.02
N ASP C 199 -16.35 28.41 -8.18
CA ASP C 199 -16.68 29.85 -8.25
C ASP C 199 -18.08 30.13 -7.69
N ARG C 200 -19.02 29.24 -7.98
CA ARG C 200 -20.40 29.37 -7.51
C ARG C 200 -20.46 29.26 -5.98
N VAL C 201 -19.74 28.30 -5.42
CA VAL C 201 -19.72 28.09 -3.98
C VAL C 201 -19.14 29.34 -3.28
N GLY C 202 -18.10 29.93 -3.87
CA GLY C 202 -17.52 31.14 -3.32
C GLY C 202 -16.61 30.87 -2.14
N ARG C 203 -16.52 31.84 -1.23
CA ARG C 203 -15.52 31.81 -0.16
C ARG C 203 -15.85 30.74 0.85
N ILE C 204 -14.89 29.85 1.07
CA ILE C 204 -15.00 28.82 2.07
C ILE C 204 -13.74 28.74 2.91
N ASP C 205 -13.84 28.11 4.07
CA ASP C 205 -12.73 28.04 5.01
C ASP C 205 -11.90 26.79 4.82
N LEU C 206 -12.52 25.72 4.34
CA LEU C 206 -11.85 24.43 4.23
C LEU C 206 -12.41 23.59 3.08
N LEU C 207 -11.50 23.06 2.28
CA LEU C 207 -11.79 22.07 1.27
C LEU C 207 -11.42 20.71 1.82
N VAL C 208 -12.39 19.81 1.85
CA VAL C 208 -12.17 18.46 2.31
C VAL C 208 -12.25 17.52 1.12
N PHE C 209 -11.07 17.03 0.73
CA PHE C 209 -10.95 16.11 -0.38
C PHE C 209 -11.17 14.67 0.11
N PRO C 210 -11.58 13.80 -0.81
CA PRO C 210 -11.79 12.39 -0.46
C PRO C 210 -10.53 11.53 -0.37
N HIS C 211 -9.42 11.94 -0.98
CA HIS C 211 -8.21 11.14 -1.02
C HIS C 211 -6.97 11.95 -0.74
N ASP C 212 -7.09 12.90 0.18
CA ASP C 212 -5.97 13.70 0.60
C ASP C 212 -6.36 14.43 1.89
N ALA C 213 -5.38 15.04 2.54
CA ALA C 213 -5.61 15.91 3.68
C ALA C 213 -6.30 17.20 3.22
N PRO C 214 -7.11 17.82 4.07
CA PRO C 214 -7.84 19.02 3.67
C PRO C 214 -6.96 20.25 3.50
N LEU C 215 -7.53 21.27 2.87
CA LEU C 215 -6.76 22.43 2.57
C LEU C 215 -7.60 23.69 2.76
N LYS C 216 -7.01 24.70 3.40
CA LYS C 216 -7.56 26.06 3.43
C LYS C 216 -7.32 26.68 2.03
N PRO C 217 -8.38 27.05 1.30
CA PRO C 217 -8.20 27.61 -0.07
C PRO C 217 -7.33 28.89 -0.16
N HIS D 11 22.37 15.05 32.62
CA HIS D 11 22.06 15.20 31.17
C HIS D 11 21.13 14.07 30.69
N HIS D 12 19.87 14.44 30.45
CA HIS D 12 18.82 13.48 30.09
C HIS D 12 18.78 13.23 28.59
N GLU D 14 16.16 12.38 25.60
CA GLU D 14 14.73 12.44 25.27
C GLU D 14 14.49 11.69 23.98
N LEU D 15 13.39 10.93 23.95
CA LEU D 15 13.02 10.13 22.82
C LEU D 15 11.81 10.73 22.09
N LYS D 16 11.87 10.71 20.77
CA LYS D 16 10.69 10.94 19.94
C LYS D 16 10.64 9.89 18.84
N ILE D 17 9.46 9.30 18.67
CA ILE D 17 9.24 8.36 17.58
C ILE D 17 8.72 9.16 16.39
N LEU D 18 9.57 9.32 15.38
CA LEU D 18 9.22 10.18 14.25
C LEU D 18 8.24 9.48 13.30
N VAL D 19 8.44 8.17 13.14
CA VAL D 19 7.64 7.33 12.26
C VAL D 19 7.43 6.00 12.95
N THR D 20 6.19 5.55 13.05
CA THR D 20 5.98 4.16 13.39
C THR D 20 5.84 3.37 12.07
N GLY D 21 6.62 2.30 11.96
CA GLY D 21 6.78 1.60 10.72
C GLY D 21 5.62 0.72 10.32
N GLY D 22 5.72 0.18 9.13
CA GLY D 22 4.70 -0.70 8.60
C GLY D 22 5.22 -1.52 7.43
N ASN D 23 4.28 -2.08 6.69
CA ASN D 23 4.60 -2.97 5.58
C ASN D 23 3.78 -2.60 4.40
N VAL D 24 4.40 -2.56 3.24
CA VAL D 24 3.64 -2.47 2.00
C VAL D 24 4.32 -3.41 1.05
N PHE D 25 3.67 -4.51 0.72
CA PHE D 25 4.32 -5.56 -0.03
C PHE D 25 3.33 -6.33 -0.88
N VAL D 26 3.55 -6.30 -2.19
CA VAL D 26 2.81 -7.11 -3.11
C VAL D 26 3.89 -7.88 -3.90
N PRO D 27 3.93 -9.21 -3.73
CA PRO D 27 4.92 -10.01 -4.49
C PRO D 27 5.00 -9.67 -5.97
N GLY D 28 6.23 -9.34 -6.40
CA GLY D 28 6.52 -9.07 -7.80
C GLY D 28 6.07 -7.71 -8.32
N ARG D 29 5.61 -6.83 -7.45
CA ARG D 29 4.97 -5.59 -7.88
C ARG D 29 5.28 -4.39 -7.00
N LEU D 30 5.40 -4.57 -5.71
CA LEU D 30 5.48 -3.43 -4.82
C LEU D 30 6.21 -3.80 -3.58
N ASN D 31 7.26 -3.05 -3.32
CA ASN D 31 8.00 -3.21 -2.11
C ASN D 31 8.23 -1.85 -1.47
N ALA D 32 7.41 -1.52 -0.49
CA ALA D 32 7.54 -0.23 0.19
C ALA D 32 7.48 -0.39 1.71
N HIS D 33 8.10 -1.45 2.20
CA HIS D 33 8.32 -1.60 3.63
C HIS D 33 9.03 -0.36 4.15
N PHE D 34 8.71 0.01 5.37
CA PHE D 34 9.28 1.21 5.94
C PHE D 34 9.39 1.02 7.46
N SER D 35 10.59 1.28 8.00
CA SER D 35 10.82 1.07 9.41
C SER D 35 10.37 2.28 10.22
N THR D 36 10.10 1.99 11.48
CA THR D 36 10.04 2.95 12.53
C THR D 36 11.32 3.76 12.54
N VAL D 37 11.20 5.05 12.83
CA VAL D 37 12.32 5.98 12.91
C VAL D 37 12.31 6.62 14.29
N VAL D 38 13.42 6.43 15.01
CA VAL D 38 13.56 6.89 16.38
C VAL D 38 14.56 8.03 16.39
N TYR D 39 14.19 9.12 17.07
CA TYR D 39 15.01 10.29 17.26
C TYR D 39 15.32 10.49 18.75
N LEU D 40 16.58 10.75 19.05
CA LEU D 40 17.03 10.96 20.42
C LEU D 40 17.88 12.22 20.50
N GLU D 41 17.67 13.03 21.53
CA GLU D 41 18.53 14.15 21.84
C GLU D 41 19.18 13.88 23.18
N HIS D 42 20.50 14.03 23.21
CA HIS D 42 21.29 13.89 24.40
C HIS D 42 22.49 14.82 24.28
N LYS D 43 22.60 15.74 25.24
CA LYS D 43 23.62 16.77 25.19
C LYS D 43 23.54 17.46 23.84
N ASP D 44 24.65 17.48 23.09
CA ASP D 44 24.73 18.12 21.77
C ASP D 44 24.55 17.12 20.62
N ARG D 45 24.12 15.90 20.94
CA ARG D 45 23.90 14.85 19.96
C ARG D 45 22.46 14.82 19.53
N ARG D 46 22.27 14.65 18.23
CA ARG D 46 20.97 14.44 17.64
C ARG D 46 21.07 13.15 16.85
N ILE D 47 20.38 12.14 17.38
CA ILE D 47 20.64 10.77 17.04
C ILE D 47 19.42 10.14 16.41
N ILE D 48 19.64 9.41 15.33
CA ILE D 48 18.57 8.63 14.70
C ILE D 48 18.91 7.16 14.74
N ILE D 49 17.92 6.34 15.13
CA ILE D 49 18.05 4.90 15.00
C ILE D 49 17.06 4.45 13.92
N ASP D 50 17.60 3.83 12.86
CA ASP D 50 16.87 3.38 11.66
C ASP D 50 16.18 4.55 10.97
N PRO D 51 16.91 5.26 10.12
CA PRO D 51 16.38 6.44 9.43
C PRO D 51 15.21 6.16 8.49
N GLY D 52 15.01 4.90 8.11
CA GLY D 52 13.83 4.49 7.40
C GLY D 52 13.93 4.51 5.89
N ASN D 53 12.76 4.49 5.25
CA ASN D 53 12.63 4.32 3.83
C ASN D 53 12.06 5.57 3.17
N LEU D 54 12.28 5.66 1.86
CA LEU D 54 11.88 6.80 1.04
C LEU D 54 10.40 7.11 1.20
N SER D 55 9.59 6.08 1.41
CA SER D 55 8.15 6.28 1.49
C SER D 55 7.65 7.07 2.73
N SER D 56 8.54 7.24 3.71
CA SER D 56 8.28 8.05 4.91
C SER D 56 8.71 9.51 4.78
N ASP D 58 7.41 12.33 3.56
CA ASP D 58 6.45 13.35 3.98
C ASP D 58 6.29 13.39 5.50
N GLU D 59 6.25 12.23 6.15
CA GLU D 59 6.15 12.22 7.59
C GLU D 59 7.42 12.81 8.21
N LEU D 60 8.58 12.43 7.71
CA LEU D 60 9.82 12.98 8.23
C LEU D 60 9.94 14.47 8.03
N GLU D 61 9.55 14.95 6.85
CA GLU D 61 9.52 16.40 6.56
C GLU D 61 8.74 17.13 7.66
N GLU D 62 7.55 16.63 7.95
CA GLU D 62 6.67 17.20 8.97
C GLU D 62 7.32 17.19 10.37
N LYS D 63 7.91 16.05 10.75
CA LYS D 63 8.53 15.92 12.06
C LYS D 63 9.79 16.79 12.21
N PHE D 64 10.63 16.82 11.18
CA PHE D 64 11.81 17.67 11.21
C PHE D 64 11.41 19.14 11.33
N SER D 65 10.35 19.50 10.64
CA SER D 65 9.83 20.85 10.71
C SER D 65 9.31 21.19 12.12
N GLU D 66 8.53 20.30 12.73
CA GLU D 66 8.11 20.47 14.13
C GLU D 66 9.32 20.61 15.07
N LEU D 67 10.34 19.80 14.86
CA LEU D 67 11.53 19.83 15.72
C LEU D 67 12.43 21.03 15.49
N GLY D 68 12.24 21.73 14.38
CA GLY D 68 13.08 22.88 14.03
C GLY D 68 14.47 22.48 13.59
N ILE D 69 14.63 21.29 13.06
CA ILE D 69 15.96 20.84 12.65
C ILE D 69 16.00 20.48 11.17
N SER D 70 17.22 20.38 10.66
CA SER D 70 17.44 19.89 9.31
C SER D 70 18.19 18.56 9.40
N PRO D 71 18.20 17.80 8.31
CA PRO D 71 19.06 16.62 8.22
C PRO D 71 20.55 16.90 8.51
N ASP D 72 21.01 18.11 8.20
CA ASP D 72 22.38 18.52 8.48
C ASP D 72 22.75 18.55 9.96
N ASP D 73 21.74 18.58 10.83
CA ASP D 73 21.95 18.65 12.28
C ASP D 73 22.06 17.28 12.92
N ILE D 74 21.76 16.22 12.20
CA ILE D 74 21.86 14.87 12.75
C ILE D 74 23.34 14.49 12.87
N THR D 75 23.74 14.10 14.07
CA THR D 75 25.13 13.81 14.40
C THR D 75 25.49 12.32 14.36
N ASP D 76 24.50 11.47 14.67
CA ASP D 76 24.73 10.05 14.83
C ASP D 76 23.53 9.26 14.31
N VAL D 77 23.81 8.20 13.54
CA VAL D 77 22.74 7.34 12.98
C VAL D 77 23.16 5.88 13.25
N LEU D 78 22.29 5.15 13.93
CA LEU D 78 22.54 3.76 14.24
C LEU D 78 21.57 2.88 13.48
N PHE D 79 22.05 1.72 13.05
CA PHE D 79 21.25 0.76 12.30
C PHE D 79 21.04 -0.53 13.07
N THR D 80 19.79 -0.96 13.22
CA THR D 80 19.54 -2.33 13.70
C THR D 80 20.13 -3.35 12.71
N HIS D 81 19.94 -3.08 11.43
CA HIS D 81 20.59 -3.90 10.43
C HIS D 81 20.52 -3.27 9.04
N VAL D 82 21.20 -3.93 8.10
CA VAL D 82 21.41 -3.35 6.77
C VAL D 82 20.39 -3.91 5.78
N HIS D 83 19.16 -3.44 5.94
CA HIS D 83 18.03 -3.72 5.07
C HIS D 83 17.50 -2.36 4.65
N LEU D 84 17.17 -2.25 3.38
CA LEU D 84 16.90 -0.96 2.74
C LEU D 84 15.78 -0.17 3.41
N ASP D 85 14.79 -0.88 3.90
CA ASP D 85 13.63 -0.22 4.50
C ASP D 85 13.95 0.41 5.85
N HIS D 86 15.13 0.07 6.39
CA HIS D 86 15.66 0.69 7.61
C HIS D 86 16.74 1.73 7.37
N ILE D 87 17.47 1.60 6.27
CA ILE D 87 18.70 2.42 6.06
C ILE D 87 18.62 3.45 4.94
N PHE D 88 17.61 3.37 4.08
CA PHE D 88 17.65 4.18 2.85
C PHE D 88 17.88 5.67 3.17
N ASN D 89 17.14 6.19 4.13
CA ASN D 89 17.17 7.62 4.40
C ASN D 89 18.51 8.10 4.99
N SER D 90 19.40 7.16 5.30
CA SER D 90 20.75 7.48 5.69
C SER D 90 21.44 8.42 4.69
N VAL D 91 21.06 8.38 3.42
CA VAL D 91 21.63 9.28 2.40
C VAL D 91 21.37 10.76 2.68
N LEU D 92 20.40 11.07 3.54
CA LEU D 92 20.07 12.46 3.90
C LEU D 92 21.04 13.11 4.87
N PHE D 93 21.78 12.29 5.62
CA PHE D 93 22.53 12.78 6.77
C PHE D 93 24.02 12.84 6.48
N GLU D 94 24.44 13.96 5.93
CA GLU D 94 25.78 14.10 5.40
C GLU D 94 26.81 14.33 6.48
N ASN D 95 26.37 14.74 7.67
CA ASN D 95 27.29 15.10 8.76
C ASN D 95 27.32 14.06 9.88
N ALA D 96 26.58 12.96 9.70
CA ALA D 96 26.44 11.98 10.76
C ALA D 96 27.57 10.97 10.76
N THR D 97 27.83 10.43 11.95
CA THR D 97 28.58 9.19 12.11
C THR D 97 27.58 8.06 12.10
N PHE D 98 27.89 7.02 11.33
CA PHE D 98 27.01 5.87 11.20
C PHE D 98 27.54 4.68 11.96
N TYR D 99 26.65 4.00 12.67
CA TYR D 99 27.00 2.87 13.52
C TYR D 99 26.31 1.60 13.04
N VAL D 100 27.09 0.53 12.94
CA VAL D 100 26.59 -0.70 12.36
C VAL D 100 27.45 -1.86 12.82
N HIS D 101 26.87 -3.05 12.95
CA HIS D 101 27.66 -4.20 13.35
C HIS D 101 28.70 -4.55 12.28
N GLU D 102 29.93 -4.82 12.72
CA GLU D 102 31.03 -5.08 11.83
C GLU D 102 30.80 -6.20 10.81
N VAL D 103 29.97 -7.19 11.12
CA VAL D 103 29.85 -8.32 10.19
C VAL D 103 29.08 -7.96 8.93
N TYR D 104 28.50 -6.77 8.86
CA TYR D 104 27.84 -6.36 7.64
C TYR D 104 28.85 -6.32 6.48
N LYS D 105 30.12 -6.06 6.80
CA LYS D 105 31.18 -6.03 5.79
C LYS D 105 31.44 -7.40 5.16
N THR D 106 30.96 -8.48 5.77
CA THR D 106 31.15 -9.82 5.22
C THR D 106 30.06 -10.20 4.19
N LYS D 107 29.06 -9.36 4.00
CA LYS D 107 28.04 -9.62 2.99
C LYS D 107 28.39 -8.98 1.65
N ASN D 108 28.12 -9.70 0.57
CA ASN D 108 28.26 -9.11 -0.78
C ASN D 108 26.90 -8.56 -1.21
N TYR D 109 26.73 -7.25 -1.02
CA TYR D 109 25.45 -6.60 -1.32
C TYR D 109 25.14 -6.53 -2.83
N LEU D 110 26.19 -6.51 -3.66
CA LEU D 110 26.01 -6.59 -5.12
C LEU D 110 25.43 -7.93 -5.63
N SER D 111 25.46 -8.96 -4.79
CA SER D 111 24.84 -10.26 -5.11
C SER D 111 23.33 -10.27 -4.77
N PHE D 112 22.83 -9.23 -4.12
CA PHE D 112 21.37 -9.06 -3.84
C PHE D 112 20.47 -8.87 -5.11
N GLY D 113 21.06 -8.89 -6.31
CA GLY D 113 20.35 -8.68 -7.58
C GLY D 113 21.01 -7.51 -8.28
N THR D 114 20.99 -7.50 -9.59
CA THR D 114 21.62 -6.41 -10.32
C THR D 114 21.07 -5.09 -9.77
N ILE D 115 19.75 -4.93 -9.79
CA ILE D 115 19.15 -3.66 -9.45
C ILE D 115 19.25 -3.37 -7.98
N VAL D 116 18.72 -4.28 -7.18
CA VAL D 116 18.67 -4.09 -5.74
C VAL D 116 20.06 -3.93 -5.12
N GLY D 117 20.99 -4.74 -5.59
CA GLY D 117 22.36 -4.64 -5.13
C GLY D 117 22.99 -3.28 -5.39
N ARG D 118 22.69 -2.69 -6.52
CA ARG D 118 23.21 -1.35 -6.86
C ARG D 118 22.69 -0.31 -5.90
N ILE D 119 21.43 -0.42 -5.51
CA ILE D 119 20.87 0.53 -4.56
C ILE D 119 21.52 0.39 -3.18
N TYR D 120 21.63 -0.84 -2.68
CA TYR D 120 22.35 -1.08 -1.41
C TYR D 120 23.75 -0.50 -1.48
N SER D 121 24.43 -0.78 -2.57
CA SER D 121 25.78 -0.31 -2.70
C SER D 121 25.89 1.24 -2.68
N LYS D 122 24.99 1.92 -3.37
CA LYS D 122 24.98 3.39 -3.40
C LYS D 122 24.65 3.96 -2.01
N VAL D 123 23.69 3.38 -1.31
CA VAL D 123 23.39 3.83 0.06
C VAL D 123 24.60 3.64 0.99
N ILE D 124 25.16 2.44 0.98
CA ILE D 124 26.25 2.08 1.88
C ILE D 124 27.47 2.94 1.59
N SER D 125 27.76 3.19 0.32
CA SER D 125 28.85 4.03 -0.07
C SER D 125 28.74 5.48 0.39
N SER D 126 27.54 5.94 0.70
CA SER D 126 27.37 7.32 1.12
C SER D 126 27.79 7.53 2.58
N TRP D 127 27.97 6.44 3.36
CA TRP D 127 28.39 6.55 4.77
C TRP D 127 29.88 6.87 4.85
N LYS D 128 30.22 8.13 5.07
CA LYS D 128 31.64 8.51 5.06
C LYS D 128 32.36 8.28 6.38
N ASN D 129 31.64 8.42 7.50
CA ASN D 129 32.17 8.14 8.81
C ASN D 129 31.36 7.02 9.43
N VAL D 130 32.01 5.88 9.68
CA VAL D 130 31.37 4.67 10.16
C VAL D 130 32.10 4.18 11.42
N VAL D 131 31.32 3.82 12.43
CA VAL D 131 31.81 3.11 13.60
C VAL D 131 31.25 1.70 13.50
N LEU D 132 32.14 0.72 13.49
CA LEU D 132 31.77 -0.68 13.50
C LEU D 132 31.64 -1.15 14.95
N LEU D 133 30.49 -1.78 15.25
CA LEU D 133 30.17 -2.33 16.56
C LEU D 133 30.31 -3.85 16.57
N LYS D 134 30.49 -4.41 17.76
CA LYS D 134 30.50 -5.86 17.98
C LYS D 134 29.32 -6.36 18.80
N GLY D 135 28.64 -5.45 19.51
CA GLY D 135 27.65 -5.83 20.54
C GLY D 135 28.24 -5.70 21.94
N GLU D 136 27.38 -5.35 22.89
CA GLU D 136 27.68 -5.11 24.30
C GLU D 136 28.23 -3.73 24.61
N GLU D 137 28.48 -2.90 23.59
CA GLU D 137 28.94 -1.55 23.85
C GLU D 137 27.85 -0.78 24.60
N SER D 138 28.28 0.12 25.48
CA SER D 138 27.36 1.14 26.03
C SER D 138 27.88 2.52 25.56
N LEU D 139 27.00 3.20 24.81
CA LEU D 139 27.32 4.42 24.08
C LEU D 139 26.60 5.62 24.70
N PHE D 140 27.04 6.82 24.31
CA PHE D 140 26.38 8.07 24.68
C PHE D 140 26.21 8.20 26.20
N ASP D 141 27.35 8.21 26.89
CA ASP D 141 27.39 8.30 28.34
C ASP D 141 26.51 7.24 29.00
N GLU D 142 26.59 6.01 28.48
CA GLU D 142 25.87 4.85 29.01
C GLU D 142 24.35 4.92 28.81
N LYS D 143 23.87 5.77 27.93
CA LYS D 143 22.44 5.89 27.70
C LYS D 143 21.93 4.88 26.68
N VAL D 144 22.83 4.35 25.86
CA VAL D 144 22.47 3.40 24.81
C VAL D 144 23.30 2.13 24.93
N LYS D 145 22.63 1.02 25.21
CA LYS D 145 23.27 -0.29 25.28
C LYS D 145 22.97 -1.07 23.99
N VAL D 146 24.06 -1.57 23.38
CA VAL D 146 24.00 -2.28 22.13
C VAL D 146 24.04 -3.79 22.39
N PHE D 147 23.10 -4.53 21.78
CA PHE D 147 23.04 -5.98 21.86
C PHE D 147 23.12 -6.55 20.47
N HIS D 148 24.00 -7.53 20.28
CA HIS D 148 24.05 -8.29 19.05
C HIS D 148 22.93 -9.34 19.09
N THR D 149 21.96 -9.22 18.20
CA THR D 149 20.78 -10.04 18.18
C THR D 149 20.56 -10.67 16.80
N PRO D 150 21.45 -11.60 16.40
CA PRO D 150 21.50 -12.04 15.02
C PRO D 150 20.45 -13.09 14.65
N TRP D 151 19.19 -12.81 14.94
CA TRP D 151 18.10 -13.77 14.69
C TRP D 151 17.17 -13.13 13.68
N HIS D 152 17.77 -12.79 12.53
CA HIS D 152 17.10 -12.13 11.42
C HIS D 152 18.14 -11.84 10.31
N ALA D 153 19.27 -11.29 10.72
CA ALA D 153 20.40 -11.06 9.83
C ALA D 153 21.64 -11.08 10.73
N ARG D 154 22.76 -11.51 10.18
CA ARG D 154 23.97 -11.73 10.96
C ARG D 154 24.48 -10.46 11.68
N GLU D 155 24.21 -9.31 11.10
CA GLU D 155 24.67 -8.02 11.63
C GLU D 155 23.64 -7.37 12.54
N HIS D 156 22.56 -8.09 12.86
CA HIS D 156 21.42 -7.46 13.54
C HIS D 156 21.72 -7.05 14.98
N LEU D 157 21.31 -5.82 15.31
CA LEU D 157 21.49 -5.23 16.62
C LEU D 157 20.15 -4.76 17.19
N SER D 158 20.03 -4.84 18.52
CA SER D 158 18.93 -4.22 19.27
C SER D 158 19.54 -3.21 20.23
N PHE D 159 18.77 -2.18 20.57
CA PHE D 159 19.29 -1.08 21.37
C PHE D 159 18.38 -0.83 22.57
N LEU D 160 18.98 -0.81 23.76
CA LEU D 160 18.28 -0.49 24.98
C LEU D 160 18.67 0.94 25.39
N LEU D 161 17.64 1.77 25.60
CA LEU D 161 17.80 3.20 25.81
C LEU D 161 17.30 3.59 27.18
N ASP D 162 18.08 4.40 27.86
CA ASP D 162 17.72 4.96 29.16
C ASP D 162 17.20 6.37 28.91
N THR D 163 15.88 6.54 28.77
CA THR D 163 15.30 7.83 28.42
C THR D 163 14.61 8.48 29.61
N GLU D 164 14.59 9.81 29.61
CA GLU D 164 13.89 10.56 30.64
C GLU D 164 12.38 10.50 30.46
N ASN D 165 11.92 10.62 29.23
CA ASN D 165 10.49 10.79 28.98
C ASN D 165 9.74 9.48 28.78
N ALA D 166 10.44 8.42 28.40
CA ALA D 166 9.77 7.14 28.10
C ALA D 166 10.34 5.99 28.92
N GLY D 167 11.19 6.29 29.88
CA GLY D 167 11.86 5.27 30.68
C GLY D 167 12.80 4.42 29.86
N ARG D 168 12.81 3.15 30.20
CA ARG D 168 13.69 2.15 29.60
C ARG D 168 13.03 1.55 28.36
N VAL D 169 13.61 1.84 27.21
CA VAL D 169 13.00 1.55 25.91
C VAL D 169 13.88 0.58 25.12
N LEU D 170 13.26 -0.48 24.63
CA LEU D 170 13.96 -1.42 23.76
C LEU D 170 13.57 -1.21 22.28
N ILE D 171 14.56 -0.82 21.48
CA ILE D 171 14.44 -0.83 20.04
C ILE D 171 14.77 -2.26 19.59
N THR D 172 13.75 -3.04 19.28
CA THR D 172 13.95 -4.47 19.04
C THR D 172 14.64 -4.76 17.71
N GLY D 173 14.32 -3.96 16.70
CA GLY D 173 14.64 -4.34 15.33
C GLY D 173 13.76 -5.50 14.89
N ASP D 174 14.16 -6.12 13.79
CA ASP D 174 13.38 -7.13 13.11
C ASP D 174 13.42 -8.51 13.70
N ILE D 175 14.05 -8.69 14.85
CA ILE D 175 13.85 -9.93 15.59
C ILE D 175 12.39 -10.09 16.06
N THR D 176 11.69 -8.97 16.23
CA THR D 176 10.25 -8.93 16.52
C THR D 176 9.68 -7.76 15.71
N PRO D 177 9.26 -8.02 14.48
CA PRO D 177 8.89 -6.91 13.60
C PRO D 177 7.63 -6.15 14.03
N ASN D 178 6.74 -6.80 14.77
CA ASN D 178 5.47 -6.24 15.14
C ASN D 178 4.93 -6.89 16.41
N ARG D 179 3.78 -6.41 16.85
CA ARG D 179 3.22 -6.87 18.12
C ARG D 179 2.90 -8.36 18.11
N LEU D 180 2.36 -8.82 16.98
CA LEU D 180 1.99 -10.23 16.85
C LEU D 180 3.21 -11.13 17.05
N SER D 181 4.36 -10.72 16.53
CA SER D 181 5.55 -11.56 16.66
C SER D 181 5.98 -11.61 18.14
N TYR D 182 5.80 -10.49 18.83
CA TYR D 182 6.08 -10.42 20.26
C TYR D 182 5.13 -11.31 21.05
N TYR D 183 3.86 -11.22 20.72
CA TYR D 183 2.89 -12.07 21.36
C TYR D 183 3.20 -13.57 21.14
N ASP D 184 3.66 -13.93 19.94
CA ASP D 184 4.00 -15.34 19.67
C ASP D 184 5.09 -15.82 20.62
N ILE D 185 6.09 -14.99 20.88
CA ILE D 185 7.10 -15.26 21.91
C ILE D 185 6.48 -15.46 23.31
N ILE D 186 5.62 -14.54 23.72
CA ILE D 186 4.93 -14.70 25.00
C ILE D 186 4.13 -15.98 25.08
N LYS D 187 3.46 -16.34 24.00
CA LYS D 187 2.66 -17.53 23.99
C LYS D 187 3.50 -18.83 23.98
N GLY D 188 4.80 -18.70 23.78
CA GLY D 188 5.72 -19.83 23.88
C GLY D 188 6.10 -20.56 22.59
N TYR D 189 5.70 -20.06 21.42
CA TYR D 189 5.97 -20.79 20.21
C TYR D 189 6.79 -20.00 19.20
N GLY D 190 7.35 -18.89 19.66
CA GLY D 190 8.24 -18.09 18.85
C GLY D 190 9.68 -18.50 19.07
N SER D 191 10.61 -17.69 18.54
CA SER D 191 12.05 -17.92 18.69
C SER D 191 12.47 -18.05 20.16
N VAL D 192 13.13 -19.16 20.47
CA VAL D 192 13.70 -19.40 21.79
C VAL D 192 14.83 -18.39 22.06
N GLN D 193 15.61 -18.04 21.04
CA GLN D 193 16.70 -17.08 21.17
C GLN D 193 16.16 -15.69 21.52
N VAL D 194 15.09 -15.30 20.86
CA VAL D 194 14.53 -13.97 21.07
C VAL D 194 13.90 -13.93 22.47
N LYS D 195 13.19 -15.01 22.83
CA LYS D 195 12.64 -15.10 24.16
C LYS D 195 13.71 -14.98 25.24
N ASN D 196 14.81 -15.71 25.10
CA ASN D 196 15.90 -15.64 26.07
C ASN D 196 16.49 -14.23 26.12
N PHE D 197 16.61 -13.59 24.97
CA PHE D 197 17.11 -12.23 24.91
C PHE D 197 16.19 -11.26 25.68
N LEU D 198 14.89 -11.33 25.44
CA LEU D 198 13.96 -10.50 26.15
C LEU D 198 14.03 -10.77 27.67
N ASP D 199 14.21 -12.03 28.07
CA ASP D 199 14.37 -12.35 29.51
C ASP D 199 15.61 -11.68 30.08
N ARG D 200 16.67 -11.66 29.28
CA ARG D 200 17.94 -11.07 29.70
C ARG D 200 17.79 -9.56 29.92
N VAL D 201 17.11 -8.91 29.00
CA VAL D 201 16.92 -7.46 29.08
C VAL D 201 16.12 -7.13 30.34
N GLY D 202 15.10 -7.93 30.62
CA GLY D 202 14.32 -7.74 31.84
C GLY D 202 13.31 -6.61 31.71
N ARG D 203 13.01 -5.97 32.83
CA ARG D 203 11.85 -5.05 32.88
C ARG D 203 12.17 -3.83 32.04
N ILE D 204 11.28 -3.51 31.12
CA ILE D 204 11.38 -2.29 30.33
C ILE D 204 10.02 -1.63 30.23
N ASP D 205 10.03 -0.35 29.91
CA ASP D 205 8.83 0.46 29.88
C ASP D 205 8.17 0.47 28.50
N LEU D 206 8.95 0.25 27.45
CA LEU D 206 8.43 0.35 26.09
C LEU D 206 9.22 -0.47 25.10
N LEU D 207 8.46 -1.24 24.31
CA LEU D 207 8.98 -1.99 23.20
C LEU D 207 8.70 -1.22 21.94
N VAL D 208 9.75 -0.89 21.21
CA VAL D 208 9.61 -0.17 19.95
C VAL D 208 9.95 -1.13 18.82
N PHE D 209 8.90 -1.59 18.14
CA PHE D 209 9.02 -2.48 16.99
C PHE D 209 9.31 -1.69 15.72
N PRO D 210 9.95 -2.33 14.73
CA PRO D 210 10.25 -1.68 13.46
C PRO D 210 9.11 -1.54 12.48
N HIS D 211 8.04 -2.33 12.64
CA HIS D 211 6.94 -2.32 11.69
C HIS D 211 5.60 -2.37 12.37
N ASP D 212 5.50 -1.68 13.50
CA ASP D 212 4.25 -1.58 14.22
C ASP D 212 4.37 -0.45 15.22
N ALA D 213 3.24 -0.06 15.79
CA ALA D 213 3.18 0.89 16.90
C ALA D 213 3.81 0.26 18.14
N PRO D 214 4.43 1.07 19.02
CA PRO D 214 5.13 0.51 20.17
C PRO D 214 4.18 -0.03 21.21
N LEU D 215 4.69 -0.79 22.15
CA LEU D 215 3.86 -1.43 23.17
C LEU D 215 4.52 -1.36 24.52
N LYS D 216 3.75 -1.05 25.54
CA LYS D 216 4.14 -1.28 26.95
C LYS D 216 4.03 -2.79 27.27
N PRO D 217 5.15 -3.47 27.58
CA PRO D 217 5.05 -4.92 27.88
C PRO D 217 4.13 -5.20 29.12
N GLU D 218 3.49 -6.36 29.23
CA GLU D 218 2.38 -6.53 30.24
C GLU D 218 2.89 -6.72 31.69
#